data_4DKR
#
_entry.id   4DKR
#
_cell.length_a   65.443
_cell.length_b   68.602
_cell.length_c   94.542
_cell.angle_alpha   90.00
_cell.angle_beta   91.38
_cell.angle_gamma   90.00
#
_symmetry.space_group_name_H-M   'P 1 21 1'
#
loop_
_entity.id
_entity.type
_entity.pdbx_description
1 polymer 'HIV-1 gp120 core'
2 non-polymer 2-acetamido-2-deoxy-beta-D-glucopyranose
3 non-polymer '4-(2-HYDROXYETHYL)-1-PIPERAZINE ETHANESULFONIC ACID'
4 non-polymer "N-[(1R,2R)-2-carbamimidamido-2,3-dihydro-1H-inden-1-yl]-N'-(4-chloro-3-fluorophenyl)ethanediamide"
5 water water
#
_entity_poly.entity_id   1
_entity_poly.type   'polypeptide(L)'
_entity_poly.pdbx_seq_one_letter_code
;VWKDADTTLFCASDAKAHETEVHNVWATHACVPTDPNPQEIHLENVTENFNMWKNNMVEQMQEDVISLWDQSLQPCVKLT
GGSVIKQACPKISFDPIPIHYCTPAGYVILKCNDKNFNGTGPCKNVSSVQCTHGIKPVVSTQLLLNGSLAEEEIIIRSEN
LTNNAKTIIVHLNKSVEINCTRPSNGGSGSGGDIRKAYCEINGTKWNKVLKQVTEKLKEHFNNKTIIFQPPSGGDLEITM
HSFNCRGEFFYCNTTQLFNNTCIGNETMKGCNGTITLPCKIKQIINMWQGTGQAMYAPPIDGKINCVSNITGILLTRDGG
ANNTSNETFRPGGGNIKDNWRSELYKYKVVQIE
;
_entity_poly.pdbx_strand_id   A,C
#
loop_
_chem_comp.id
_chem_comp.type
_chem_comp.name
_chem_comp.formula
0LJ non-polymer N-[(1R,2R)-2-carbamimidamido-2,3-dihydro-1H-inden-1-yl]-N'-(4-chloro-3-fluorophenyl)ethanediamide 'C18 H17 Cl F N5 O2'
EPE non-polymer '4-(2-HYDROXYETHYL)-1-PIPERAZINE ETHANESULFONIC ACID' 'C8 H18 N2 O4 S'
NAG D-saccharide, beta linking 2-acetamido-2-deoxy-beta-D-glucopyranose 'C8 H15 N O6'
#
# COMPACT_ATOMS: atom_id res chain seq x y z
N VAL A 1 4.24 -9.61 -37.31
CA VAL A 1 5.37 -10.00 -36.48
C VAL A 1 6.28 -8.81 -36.18
N TRP A 2 6.63 -8.63 -34.91
CA TRP A 2 7.47 -7.51 -34.50
C TRP A 2 8.38 -7.88 -33.33
N LYS A 3 9.27 -6.95 -32.98
CA LYS A 3 10.16 -7.14 -31.84
C LYS A 3 10.54 -5.79 -31.25
N ASP A 4 10.91 -5.79 -29.97
CA ASP A 4 11.34 -4.57 -29.30
C ASP A 4 12.56 -3.96 -29.98
N ALA A 5 12.53 -2.65 -30.18
CA ALA A 5 13.62 -1.96 -30.86
C ALA A 5 13.61 -0.47 -30.54
N ASP A 6 14.77 0.15 -30.69
CA ASP A 6 14.88 1.59 -30.56
C ASP A 6 15.16 2.19 -31.92
N THR A 7 14.58 3.34 -32.21
CA THR A 7 14.85 4.03 -33.47
C THR A 7 14.73 5.54 -33.29
N THR A 8 15.13 6.28 -34.32
CA THR A 8 15.01 7.73 -34.31
C THR A 8 13.55 8.15 -34.44
N LEU A 9 13.01 8.77 -33.41
CA LEU A 9 11.64 9.25 -33.44
C LEU A 9 11.58 10.65 -34.01
N PHE A 10 10.42 11.05 -34.50
CA PHE A 10 10.19 12.45 -34.85
C PHE A 10 8.99 12.98 -34.08
N CYS A 11 8.78 14.29 -34.11
CA CYS A 11 7.70 14.87 -33.33
C CYS A 11 6.66 15.56 -34.20
N ALA A 12 5.44 15.64 -33.67
CA ALA A 12 4.34 16.33 -34.31
C ALA A 12 3.67 17.25 -33.30
N SER A 13 3.12 18.37 -33.78
CA SER A 13 2.46 19.32 -32.91
C SER A 13 1.52 20.23 -33.70
N ASP A 14 0.71 21.00 -32.99
CA ASP A 14 -0.19 21.96 -33.63
C ASP A 14 0.32 23.39 -33.45
N ALA A 15 1.64 23.53 -33.36
CA ALA A 15 2.27 24.83 -33.18
C ALA A 15 1.93 25.82 -34.29
N LYS A 16 1.91 27.10 -33.94
CA LYS A 16 1.63 28.16 -34.91
C LYS A 16 2.91 28.87 -35.33
N ALA A 17 3.09 29.04 -36.63
CA ALA A 17 4.30 29.65 -37.16
C ALA A 17 4.40 31.15 -36.84
N HIS A 18 3.26 31.76 -36.54
CA HIS A 18 3.22 33.20 -36.27
C HIS A 18 3.31 33.53 -34.79
N GLU A 19 3.50 32.50 -33.96
CA GLU A 19 3.63 32.69 -32.52
C GLU A 19 5.07 32.99 -32.13
N THR A 20 5.25 33.90 -31.17
CA THR A 20 6.57 34.21 -30.63
C THR A 20 6.86 33.34 -29.40
N GLU A 21 5.83 32.66 -28.92
CA GLU A 21 5.97 31.75 -27.78
C GLU A 21 6.99 30.66 -28.12
N VAL A 22 7.91 30.40 -27.20
CA VAL A 22 9.10 29.62 -27.50
C VAL A 22 8.86 28.14 -27.84
N HIS A 23 7.85 27.52 -27.23
CA HIS A 23 7.52 26.14 -27.55
C HIS A 23 6.99 26.06 -28.98
N ASN A 24 6.17 27.03 -29.36
CA ASN A 24 5.66 27.13 -30.71
C ASN A 24 6.79 27.31 -31.73
N VAL A 25 7.73 28.20 -31.42
CA VAL A 25 8.86 28.46 -32.31
C VAL A 25 9.71 27.21 -32.51
N TRP A 26 10.01 26.51 -31.41
CA TRP A 26 10.80 25.29 -31.49
C TRP A 26 10.10 24.22 -32.32
N ALA A 27 8.83 23.97 -32.00
CA ALA A 27 8.05 22.93 -32.69
C ALA A 27 7.82 23.25 -34.15
N THR A 28 7.76 24.54 -34.49
CA THR A 28 7.60 24.95 -35.88
C THR A 28 8.80 24.53 -36.72
N HIS A 29 9.98 24.58 -36.11
CA HIS A 29 11.21 24.26 -36.82
C HIS A 29 11.69 22.84 -36.59
N ALA A 30 11.12 22.16 -35.60
CA ALA A 30 11.60 20.82 -35.22
C ALA A 30 10.56 19.71 -35.38
N CYS A 31 9.29 20.07 -35.60
CA CYS A 31 8.22 19.09 -35.70
C CYS A 31 7.39 19.25 -36.97
N VAL A 32 6.58 18.25 -37.29
CA VAL A 32 5.64 18.32 -38.40
C VAL A 32 4.23 18.53 -37.85
N PRO A 33 3.28 18.92 -38.70
CA PRO A 33 1.89 19.02 -38.23
C PRO A 33 1.33 17.67 -37.79
N THR A 34 0.32 17.70 -36.92
CA THR A 34 -0.30 16.47 -36.46
C THR A 34 -1.20 15.85 -37.53
N ASP A 35 -1.44 14.55 -37.42
CA ASP A 35 -2.34 13.85 -38.32
C ASP A 35 -3.78 14.12 -37.87
N PRO A 36 -4.58 14.74 -38.74
CA PRO A 36 -5.98 15.06 -38.42
C PRO A 36 -6.82 13.79 -38.21
N ASN A 37 -6.46 12.72 -38.90
CA ASN A 37 -7.16 11.44 -38.76
C ASN A 37 -6.20 10.30 -38.43
N PRO A 38 -5.73 10.24 -37.18
CA PRO A 38 -4.79 9.19 -36.76
C PRO A 38 -5.50 7.84 -36.66
N GLN A 39 -4.78 6.77 -36.98
CA GLN A 39 -5.37 5.43 -36.91
C GLN A 39 -4.84 4.65 -35.71
N GLU A 40 -5.75 3.99 -35.01
CA GLU A 40 -5.37 3.13 -33.90
C GLU A 40 -5.95 1.74 -34.12
N ILE A 41 -5.10 0.73 -34.02
CA ILE A 41 -5.51 -0.64 -34.24
C ILE A 41 -5.42 -1.47 -32.96
N HIS A 42 -6.57 -1.90 -32.46
CA HIS A 42 -6.62 -2.73 -31.26
C HIS A 42 -6.27 -4.17 -31.59
N LEU A 43 -5.21 -4.67 -30.96
CA LEU A 43 -4.73 -6.03 -31.23
C LEU A 43 -5.45 -7.05 -30.37
N GLU A 44 -5.88 -8.14 -31.01
CA GLU A 44 -6.61 -9.20 -30.32
C GLU A 44 -5.66 -10.34 -29.92
N ASN A 45 -5.86 -10.87 -28.72
CA ASN A 45 -5.09 -12.01 -28.21
C ASN A 45 -3.59 -11.74 -28.14
N VAL A 46 -3.21 -10.47 -27.99
CA VAL A 46 -1.81 -10.09 -27.95
C VAL A 46 -1.37 -9.67 -26.55
N THR A 47 -0.36 -10.36 -26.03
CA THR A 47 0.23 -10.01 -24.74
C THR A 47 1.63 -9.44 -24.94
N GLU A 48 1.86 -8.23 -24.46
CA GLU A 48 3.15 -7.56 -24.61
C GLU A 48 3.70 -7.11 -23.27
N ASN A 49 5.01 -7.24 -23.10
CA ASN A 49 5.67 -6.77 -21.89
C ASN A 49 6.16 -5.33 -22.05
N PHE A 50 5.91 -4.51 -21.03
CA PHE A 50 6.36 -3.13 -21.02
C PHE A 50 7.29 -2.88 -19.84
N ASN A 51 8.13 -1.86 -19.97
CA ASN A 51 8.97 -1.41 -18.87
C ASN A 51 9.22 0.08 -18.98
N MET A 52 8.39 0.87 -18.29
CA MET A 52 8.47 2.33 -18.34
C MET A 52 9.81 2.85 -17.85
N TRP A 53 10.52 2.06 -17.06
CA TRP A 53 11.77 2.49 -16.45
C TRP A 53 12.98 2.22 -17.34
N LYS A 54 12.77 1.47 -18.40
CA LYS A 54 13.80 1.22 -19.41
C LYS A 54 13.20 1.46 -20.79
N ASN A 55 12.94 2.73 -21.09
CA ASN A 55 12.22 3.10 -22.30
C ASN A 55 12.94 4.24 -23.02
N ASN A 56 13.52 3.95 -24.17
CA ASN A 56 14.32 4.93 -24.91
C ASN A 56 13.53 6.16 -25.39
N MET A 57 12.20 6.04 -25.43
CA MET A 57 11.35 7.18 -25.80
C MET A 57 11.53 8.32 -24.79
N VAL A 58 11.82 7.96 -23.54
CA VAL A 58 12.03 8.92 -22.48
C VAL A 58 13.32 9.70 -22.69
N GLU A 59 14.39 8.99 -23.03
CA GLU A 59 15.67 9.62 -23.32
C GLU A 59 15.56 10.58 -24.50
N GLN A 60 14.78 10.21 -25.49
CA GLN A 60 14.60 11.05 -26.67
C GLN A 60 13.79 12.30 -26.37
N MET A 61 12.76 12.18 -25.54
CA MET A 61 11.99 13.36 -25.15
C MET A 61 12.85 14.32 -24.34
N GLN A 62 13.65 13.77 -23.43
CA GLN A 62 14.58 14.57 -22.63
C GLN A 62 15.52 15.38 -23.52
N GLU A 63 16.03 14.76 -24.58
CA GLU A 63 16.91 15.46 -25.52
C GLU A 63 16.21 16.61 -26.21
N ASP A 64 14.93 16.42 -26.57
CA ASP A 64 14.14 17.47 -27.19
C ASP A 64 13.93 18.66 -26.25
N VAL A 65 13.53 18.38 -25.01
CA VAL A 65 13.22 19.44 -24.07
C VAL A 65 14.48 20.23 -23.68
N ILE A 66 15.61 19.53 -23.56
CA ILE A 66 16.88 20.19 -23.29
C ILE A 66 17.24 21.12 -24.45
N SER A 67 17.05 20.63 -25.68
CA SER A 67 17.31 21.43 -26.86
C SER A 67 16.40 22.65 -26.91
N LEU A 68 15.13 22.45 -26.58
CA LEU A 68 14.14 23.52 -26.58
C LEU A 68 14.54 24.63 -25.60
N TRP A 69 14.82 24.25 -24.36
CA TRP A 69 15.21 25.20 -23.33
C TRP A 69 16.52 25.91 -23.66
N ASP A 70 17.46 25.18 -24.28
CA ASP A 70 18.75 25.74 -24.63
C ASP A 70 18.63 26.87 -25.66
N GLN A 71 17.65 26.76 -26.54
CA GLN A 71 17.45 27.75 -27.60
C GLN A 71 16.48 28.86 -27.17
N SER A 72 15.83 28.66 -26.02
CA SER A 72 14.73 29.53 -25.63
C SER A 72 14.95 30.25 -24.30
N LEU A 73 15.24 29.48 -23.26
CA LEU A 73 15.38 30.02 -21.91
C LEU A 73 16.85 30.10 -21.52
N GLN A 74 17.44 31.27 -21.75
CA GLN A 74 18.88 31.45 -21.56
C GLN A 74 19.19 32.28 -20.32
N PRO A 75 19.99 31.71 -19.40
CA PRO A 75 20.41 32.40 -18.18
C PRO A 75 21.46 33.48 -18.48
N CYS A 76 21.58 34.46 -17.58
CA CYS A 76 22.54 35.55 -17.76
C CYS A 76 23.97 35.06 -17.58
N VAL A 77 24.19 34.21 -16.58
CA VAL A 77 25.50 33.58 -16.39
C VAL A 77 25.35 32.07 -16.23
N LYS A 78 26.28 31.33 -16.80
CA LYS A 78 26.26 29.87 -16.74
C LYS A 78 27.52 29.36 -16.04
N LEU A 79 27.33 28.52 -15.04
CA LEU A 79 28.43 27.99 -14.25
C LEU A 79 28.59 26.49 -14.48
N THR A 80 29.44 26.13 -15.44
CA THR A 80 29.67 24.73 -15.77
C THR A 80 30.81 24.13 -14.95
N GLY A 81 31.90 23.77 -15.63
CA GLY A 81 33.05 23.18 -14.97
C GLY A 81 34.11 24.21 -14.64
N GLY A 82 33.67 25.40 -14.24
CA GLY A 82 34.57 26.49 -13.94
C GLY A 82 34.63 27.51 -15.07
N SER A 83 34.03 27.15 -16.19
CA SER A 83 34.00 28.03 -17.36
C SER A 83 32.74 28.89 -17.34
N VAL A 84 32.87 30.10 -16.81
CA VAL A 84 31.75 31.03 -16.72
C VAL A 84 31.37 31.61 -18.08
N ILE A 85 30.10 31.50 -18.43
CA ILE A 85 29.60 32.06 -19.68
C ILE A 85 28.59 33.17 -19.42
N LYS A 86 28.94 34.39 -19.81
CA LYS A 86 28.03 35.52 -19.71
C LYS A 86 27.37 35.76 -21.06
N GLN A 87 26.05 35.88 -21.06
CA GLN A 87 25.31 36.05 -22.30
C GLN A 87 24.03 36.85 -22.08
N ALA A 88 23.38 37.22 -23.17
CA ALA A 88 22.11 37.93 -23.10
C ALA A 88 21.04 37.03 -22.52
N CYS A 89 20.15 37.61 -21.71
CA CYS A 89 19.08 36.86 -21.08
C CYS A 89 17.74 37.59 -21.20
N PRO A 90 17.18 37.59 -22.42
CA PRO A 90 15.94 38.35 -22.68
C PRO A 90 14.73 37.65 -22.08
N LYS A 91 13.71 38.44 -21.74
CA LYS A 91 12.46 37.88 -21.27
C LYS A 91 11.67 37.34 -22.45
N ILE A 92 11.02 36.19 -22.27
CA ILE A 92 10.38 35.50 -23.38
C ILE A 92 8.91 35.21 -23.14
N SER A 93 8.25 34.71 -24.17
CA SER A 93 6.89 34.20 -24.06
C SER A 93 6.97 32.69 -23.89
N PHE A 94 6.44 32.19 -22.77
CA PHE A 94 6.64 30.80 -22.38
C PHE A 94 5.35 30.13 -21.91
N ASP A 95 4.95 29.07 -22.61
CA ASP A 95 3.75 28.32 -22.29
C ASP A 95 3.75 27.00 -23.07
N PRO A 96 4.06 25.88 -22.38
CA PRO A 96 4.23 24.56 -22.99
C PRO A 96 3.05 24.12 -23.85
N ILE A 97 3.35 23.54 -25.01
CA ILE A 97 2.32 22.98 -25.89
C ILE A 97 2.51 21.47 -26.00
N PRO A 98 1.42 20.74 -26.31
CA PRO A 98 1.51 19.27 -26.44
C PRO A 98 2.40 18.84 -27.61
N ILE A 99 3.31 17.91 -27.33
CA ILE A 99 4.18 17.35 -28.36
C ILE A 99 3.90 15.86 -28.53
N HIS A 100 3.74 15.43 -29.77
CA HIS A 100 3.49 14.02 -30.06
C HIS A 100 4.77 13.35 -30.55
N TYR A 101 5.02 12.12 -30.11
CA TYR A 101 6.18 11.38 -30.57
C TYR A 101 5.79 10.24 -31.49
N CYS A 102 6.43 10.18 -32.66
CA CYS A 102 5.99 9.29 -33.73
C CYS A 102 7.11 8.44 -34.29
N THR A 103 6.76 7.26 -34.77
CA THR A 103 7.72 6.33 -35.37
C THR A 103 7.80 6.50 -36.88
N PRO A 104 9.01 6.28 -37.45
CA PRO A 104 9.18 6.30 -38.90
C PRO A 104 8.70 4.98 -39.51
N ALA A 105 8.82 4.85 -40.83
CA ALA A 105 8.39 3.64 -41.52
C ALA A 105 9.18 2.42 -41.03
N GLY A 106 8.51 1.28 -40.96
CA GLY A 106 9.13 0.05 -40.50
C GLY A 106 8.98 -0.16 -39.01
N TYR A 107 8.49 0.85 -38.32
CA TYR A 107 8.29 0.79 -36.88
C TYR A 107 6.88 1.22 -36.51
N VAL A 108 6.44 0.85 -35.32
CA VAL A 108 5.15 1.29 -34.80
C VAL A 108 5.23 1.41 -33.29
N ILE A 109 4.27 2.12 -32.70
CA ILE A 109 4.23 2.27 -31.25
C ILE A 109 3.10 1.43 -30.67
N LEU A 110 3.45 0.52 -29.76
CA LEU A 110 2.44 -0.27 -29.07
C LEU A 110 1.99 0.50 -27.83
N LYS A 111 0.69 0.49 -27.58
CA LYS A 111 0.12 1.24 -26.48
C LYS A 111 -0.66 0.32 -25.55
N CYS A 112 -0.31 0.33 -24.26
CA CYS A 112 -1.01 -0.48 -23.27
C CYS A 112 -2.28 0.21 -22.81
N ASN A 113 -3.40 -0.49 -22.93
CA ASN A 113 -4.70 0.09 -22.57
C ASN A 113 -5.32 -0.52 -21.32
N ASP A 114 -4.54 -1.30 -20.58
CA ASP A 114 -5.00 -1.87 -19.31
C ASP A 114 -5.29 -0.76 -18.31
N LYS A 115 -6.47 -0.80 -17.70
CA LYS A 115 -6.95 0.30 -16.87
C LYS A 115 -6.14 0.54 -15.59
N ASN A 116 -5.53 -0.51 -15.05
CA ASN A 116 -4.72 -0.36 -13.85
C ASN A 116 -3.27 -0.80 -14.05
N PHE A 117 -2.77 -0.57 -15.27
CA PHE A 117 -1.39 -0.86 -15.62
C PHE A 117 -0.42 -0.01 -14.82
N ASN A 118 0.54 -0.64 -14.16
CA ASN A 118 1.48 0.11 -13.30
C ASN A 118 2.74 0.60 -14.01
N GLY A 119 2.94 0.16 -15.25
CA GLY A 119 4.07 0.63 -16.02
C GLY A 119 5.08 -0.46 -16.37
N THR A 120 5.02 -1.57 -15.65
CA THR A 120 5.90 -2.70 -15.92
C THR A 120 5.11 -4.00 -16.02
N GLY A 121 5.66 -4.97 -16.74
CA GLY A 121 5.04 -6.27 -16.85
C GLY A 121 4.17 -6.42 -18.08
N PRO A 122 3.40 -7.52 -18.14
CA PRO A 122 2.56 -7.84 -19.30
C PRO A 122 1.31 -6.97 -19.37
N CYS A 123 0.90 -6.63 -20.60
CA CYS A 123 -0.31 -5.87 -20.83
C CYS A 123 -1.22 -6.68 -21.76
N LYS A 124 -2.48 -6.81 -21.39
CA LYS A 124 -3.43 -7.63 -22.16
C LYS A 124 -4.08 -6.86 -23.31
N ASN A 125 -4.61 -5.68 -23.02
CA ASN A 125 -5.26 -4.87 -24.03
C ASN A 125 -4.28 -3.92 -24.72
N VAL A 126 -3.71 -4.38 -25.83
CA VAL A 126 -2.67 -3.62 -26.52
C VAL A 126 -3.16 -3.12 -27.87
N SER A 127 -2.82 -1.86 -28.20
CA SER A 127 -3.13 -1.30 -29.50
C SER A 127 -1.87 -0.77 -30.17
N SER A 128 -1.91 -0.59 -31.48
CA SER A 128 -0.79 -0.05 -32.22
C SER A 128 -1.13 1.33 -32.77
N VAL A 129 -0.25 2.31 -32.53
CA VAL A 129 -0.48 3.66 -32.99
C VAL A 129 0.75 4.21 -33.73
N GLN A 130 0.55 5.29 -34.47
CA GLN A 130 1.64 5.94 -35.18
C GLN A 130 2.34 6.97 -34.31
N CYS A 131 1.57 7.59 -33.42
CA CYS A 131 2.09 8.64 -32.54
C CYS A 131 1.49 8.53 -31.14
N THR A 132 2.22 9.05 -30.16
CA THR A 132 1.68 9.14 -28.80
C THR A 132 0.64 10.25 -28.76
N HIS A 133 -0.05 10.37 -27.63
CA HIS A 133 -0.92 11.51 -27.41
C HIS A 133 -0.06 12.76 -27.20
N GLY A 134 -0.68 13.92 -27.20
CA GLY A 134 0.04 15.17 -27.01
C GLY A 134 0.53 15.35 -25.59
N ILE A 135 1.85 15.43 -25.43
CA ILE A 135 2.46 15.56 -24.11
C ILE A 135 3.11 16.93 -23.92
N LYS A 136 2.64 17.67 -22.92
CA LYS A 136 3.24 18.95 -22.58
C LYS A 136 4.53 18.73 -21.78
N PRO A 137 5.64 19.31 -22.25
CA PRO A 137 6.94 19.16 -21.59
C PRO A 137 7.05 20.03 -20.34
N VAL A 138 6.25 19.73 -19.32
CA VAL A 138 6.24 20.53 -18.10
C VAL A 138 7.35 20.10 -17.15
N VAL A 139 8.27 21.03 -16.88
CA VAL A 139 9.38 20.75 -15.98
C VAL A 139 9.03 21.16 -14.55
N SER A 140 9.09 20.21 -13.63
CA SER A 140 8.75 20.47 -12.23
C SER A 140 9.31 19.43 -11.29
N THR A 141 9.29 19.75 -9.99
CA THR A 141 9.61 18.78 -8.95
C THR A 141 8.43 18.64 -7.99
N GLN A 142 8.43 17.57 -7.21
CA GLN A 142 7.39 17.26 -6.23
C GLN A 142 6.02 16.96 -6.82
N LEU A 143 5.44 17.92 -7.53
CA LEU A 143 4.12 17.76 -8.12
C LEU A 143 4.20 17.74 -9.64
N LEU A 144 3.53 16.78 -10.25
CA LEU A 144 3.44 16.72 -11.71
C LEU A 144 2.24 17.54 -12.16
N LEU A 145 2.48 18.46 -13.10
CA LEU A 145 1.47 19.44 -13.50
C LEU A 145 1.01 19.26 -14.94
N ASN A 146 -0.26 19.58 -15.19
CA ASN A 146 -0.84 19.60 -16.53
C ASN A 146 -0.66 18.31 -17.32
N GLY A 147 -0.66 17.18 -16.63
CA GLY A 147 -0.51 15.89 -17.29
C GLY A 147 -1.85 15.20 -17.51
N SER A 148 -1.78 13.92 -17.90
CA SER A 148 -2.99 13.13 -18.05
C SER A 148 -3.32 12.44 -16.73
N LEU A 149 -4.59 12.09 -16.55
CA LEU A 149 -5.04 11.44 -15.32
C LEU A 149 -5.24 9.95 -15.51
N ALA A 150 -5.10 9.19 -14.44
CA ALA A 150 -5.38 7.76 -14.46
C ALA A 150 -6.87 7.55 -14.70
N GLU A 151 -7.18 6.58 -15.55
CA GLU A 151 -8.54 6.34 -16.02
C GLU A 151 -9.49 5.80 -14.96
N GLU A 152 -9.00 4.92 -14.09
CA GLU A 152 -9.84 4.31 -13.07
C GLU A 152 -9.34 4.61 -11.64
N GLU A 153 -8.51 3.72 -11.12
CA GLU A 153 -7.97 3.90 -9.78
C GLU A 153 -6.63 4.62 -9.81
N ILE A 154 -6.26 5.23 -8.68
CA ILE A 154 -4.94 5.82 -8.52
C ILE A 154 -3.89 4.74 -8.72
N ILE A 155 -2.83 5.06 -9.45
CA ILE A 155 -1.79 4.09 -9.77
C ILE A 155 -0.46 4.46 -9.10
N ILE A 156 0.17 3.46 -8.48
CA ILE A 156 1.49 3.65 -7.90
C ILE A 156 2.53 3.05 -8.84
N ARG A 157 3.52 3.87 -9.22
CA ARG A 157 4.56 3.40 -10.13
C ARG A 157 5.95 3.48 -9.49
N SER A 158 6.71 2.41 -9.63
CA SER A 158 8.08 2.37 -9.15
C SER A 158 8.85 1.22 -9.82
N GLU A 159 10.12 1.46 -10.11
CA GLU A 159 10.97 0.43 -10.69
C GLU A 159 11.17 -0.72 -9.68
N ASN A 160 11.12 -0.37 -8.41
CA ASN A 160 11.26 -1.35 -7.32
C ASN A 160 10.79 -0.75 -6.01
N LEU A 161 9.55 -1.01 -5.63
CA LEU A 161 8.97 -0.44 -4.41
C LEU A 161 9.73 -0.83 -3.15
N THR A 162 10.32 -2.02 -3.16
CA THR A 162 11.09 -2.51 -2.01
C THR A 162 12.36 -1.68 -1.83
N ASN A 163 12.85 -1.11 -2.92
CA ASN A 163 14.04 -0.27 -2.87
C ASN A 163 13.65 1.18 -2.60
N ASN A 164 13.93 1.66 -1.39
CA ASN A 164 13.54 3.02 -1.00
C ASN A 164 14.29 4.11 -1.77
N ALA A 165 15.36 3.73 -2.46
CA ALA A 165 16.14 4.69 -3.24
C ALA A 165 15.46 5.00 -4.57
N LYS A 166 14.51 4.16 -4.97
CA LYS A 166 13.80 4.35 -6.23
C LYS A 166 12.61 5.29 -6.06
N THR A 167 12.51 6.26 -6.95
CA THR A 167 11.43 7.24 -6.92
C THR A 167 10.07 6.60 -7.18
N ILE A 168 9.06 7.05 -6.44
CA ILE A 168 7.69 6.59 -6.65
C ILE A 168 6.90 7.66 -7.39
N ILE A 169 6.21 7.25 -8.45
CA ILE A 169 5.32 8.15 -9.17
C ILE A 169 3.87 7.80 -8.84
N VAL A 170 3.16 8.76 -8.25
CA VAL A 170 1.74 8.58 -7.97
C VAL A 170 0.93 9.18 -9.11
N HIS A 171 0.10 8.36 -9.75
CA HIS A 171 -0.74 8.84 -10.85
C HIS A 171 -2.16 9.05 -10.36
N LEU A 172 -2.58 10.31 -10.25
CA LEU A 172 -3.91 10.63 -9.75
C LEU A 172 -5.00 10.34 -10.77
N ASN A 173 -6.20 10.03 -10.28
CA ASN A 173 -7.35 9.85 -11.16
C ASN A 173 -8.30 11.04 -11.09
N LYS A 174 -7.92 12.02 -10.28
CA LYS A 174 -8.70 13.24 -10.12
C LYS A 174 -7.73 14.40 -9.90
N SER A 175 -7.80 15.40 -10.77
CA SER A 175 -6.86 16.51 -10.70
C SER A 175 -7.24 17.51 -9.61
N VAL A 176 -6.23 18.19 -9.07
CA VAL A 176 -6.46 19.27 -8.11
C VAL A 176 -5.76 20.53 -8.61
N GLU A 177 -6.52 21.62 -8.72
CA GLU A 177 -5.96 22.86 -9.24
C GLU A 177 -5.02 23.54 -8.25
N ILE A 178 -3.91 24.05 -8.76
CA ILE A 178 -3.00 24.87 -7.96
C ILE A 178 -2.85 26.24 -8.62
N ASN A 179 -3.17 27.28 -7.87
CA ASN A 179 -3.26 28.64 -8.40
C ASN A 179 -2.11 29.51 -7.88
N CYS A 180 -1.11 29.73 -8.72
CA CYS A 180 0.09 30.44 -8.30
C CYS A 180 0.18 31.85 -8.86
N THR A 181 0.51 32.82 -8.00
CA THR A 181 0.50 34.22 -8.40
C THR A 181 1.65 35.05 -7.80
N ARG A 182 2.31 35.82 -8.64
CA ARG A 182 3.18 36.91 -8.20
C ARG A 182 2.40 38.19 -8.47
N PRO A 183 1.84 38.79 -7.41
CA PRO A 183 0.99 39.98 -7.55
C PRO A 183 1.70 41.17 -8.17
N SER A 184 0.94 42.05 -8.83
CA SER A 184 1.52 43.22 -9.50
C SER A 184 1.92 44.28 -8.49
N ASN A 185 0.93 44.90 -7.86
CA ASN A 185 1.17 45.96 -6.87
C ASN A 185 0.03 46.08 -5.86
N GLY A 192 7.94 46.63 -1.90
CA GLY A 192 7.35 45.64 -2.78
C GLY A 192 8.34 44.59 -3.23
N ASP A 193 8.27 43.41 -2.63
CA ASP A 193 9.16 42.31 -2.98
C ASP A 193 8.72 41.67 -4.28
N ILE A 194 9.47 41.91 -5.35
CA ILE A 194 9.12 41.42 -6.67
C ILE A 194 9.26 39.91 -6.82
N ARG A 195 9.90 39.27 -5.84
CA ARG A 195 10.13 37.83 -5.89
C ARG A 195 9.22 37.07 -4.95
N LYS A 196 8.37 37.78 -4.22
CA LYS A 196 7.42 37.15 -3.32
C LYS A 196 6.16 36.72 -4.08
N ALA A 197 5.79 35.45 -3.91
CA ALA A 197 4.62 34.89 -4.59
C ALA A 197 3.92 33.88 -3.69
N TYR A 198 2.83 33.31 -4.18
CA TYR A 198 2.09 32.31 -3.42
C TYR A 198 1.27 31.40 -4.32
N CYS A 199 0.89 30.23 -3.78
CA CYS A 199 0.01 29.31 -4.49
C CYS A 199 -1.22 28.99 -3.64
N GLU A 200 -2.38 28.96 -4.27
CA GLU A 200 -3.62 28.65 -3.58
C GLU A 200 -4.20 27.30 -4.04
N ILE A 201 -4.60 26.48 -3.08
CA ILE A 201 -5.12 25.15 -3.35
C ILE A 201 -6.34 24.87 -2.47
N ASN A 202 -7.38 24.29 -3.07
CA ASN A 202 -8.57 23.89 -2.32
C ASN A 202 -8.22 22.78 -1.35
N GLY A 203 -8.23 23.09 -0.05
CA GLY A 203 -7.85 22.15 0.98
C GLY A 203 -8.74 20.93 1.08
N THR A 204 -10.04 21.12 0.82
CA THR A 204 -10.99 20.02 0.87
C THR A 204 -10.68 19.00 -0.24
N LYS A 205 -10.41 19.51 -1.44
CA LYS A 205 -10.08 18.66 -2.58
C LYS A 205 -8.76 17.93 -2.38
N TRP A 206 -7.74 18.65 -1.92
CA TRP A 206 -6.40 18.08 -1.77
C TRP A 206 -6.35 17.01 -0.70
N ASN A 207 -6.91 17.31 0.47
CA ASN A 207 -6.90 16.36 1.58
C ASN A 207 -7.68 15.09 1.28
N LYS A 208 -8.75 15.23 0.51
CA LYS A 208 -9.53 14.06 0.09
C LYS A 208 -8.71 13.17 -0.84
N VAL A 209 -8.04 13.79 -1.80
CA VAL A 209 -7.18 13.06 -2.73
C VAL A 209 -6.02 12.39 -2.01
N LEU A 210 -5.40 13.11 -1.09
CA LEU A 210 -4.24 12.59 -0.37
C LEU A 210 -4.64 11.41 0.51
N LYS A 211 -5.86 11.45 1.04
CA LYS A 211 -6.40 10.34 1.81
C LYS A 211 -6.54 9.10 0.93
N GLN A 212 -6.95 9.31 -0.32
CA GLN A 212 -7.09 8.21 -1.27
C GLN A 212 -5.73 7.63 -1.67
N VAL A 213 -4.72 8.50 -1.77
CA VAL A 213 -3.37 8.07 -2.07
C VAL A 213 -2.84 7.19 -0.95
N THR A 214 -3.17 7.57 0.29
CA THR A 214 -2.80 6.79 1.47
C THR A 214 -3.36 5.38 1.41
N GLU A 215 -4.64 5.28 1.06
CA GLU A 215 -5.33 4.00 0.99
C GLU A 215 -4.77 3.11 -0.13
N LYS A 216 -4.32 3.73 -1.21
CA LYS A 216 -3.71 2.99 -2.31
C LYS A 216 -2.31 2.51 -1.93
N LEU A 217 -1.55 3.35 -1.25
CA LEU A 217 -0.22 2.98 -0.79
C LEU A 217 -0.27 1.81 0.20
N LYS A 218 -1.35 1.76 0.99
CA LYS A 218 -1.56 0.65 1.93
C LYS A 218 -1.62 -0.70 1.23
N GLU A 219 -2.25 -0.71 0.06
CA GLU A 219 -2.38 -1.95 -0.72
C GLU A 219 -1.03 -2.46 -1.17
N HIS A 220 -0.08 -1.55 -1.36
CA HIS A 220 1.25 -1.92 -1.84
C HIS A 220 2.23 -2.17 -0.70
N PHE A 221 1.88 -1.74 0.51
CA PHE A 221 2.77 -1.88 1.65
C PHE A 221 2.17 -2.67 2.81
N ASN A 222 1.46 -3.73 2.47
CA ASN A 222 0.96 -4.70 3.45
C ASN A 222 0.12 -4.09 4.58
N ASN A 223 -0.67 -3.08 4.24
CA ASN A 223 -1.53 -2.38 5.20
C ASN A 223 -0.79 -1.65 6.33
N LYS A 224 0.49 -1.33 6.11
CA LYS A 224 1.24 -0.55 7.08
C LYS A 224 0.68 0.87 7.17
N THR A 225 0.93 1.54 8.28
CA THR A 225 0.48 2.91 8.47
C THR A 225 1.27 3.86 7.56
N ILE A 226 0.55 4.67 6.78
CA ILE A 226 1.17 5.55 5.81
C ILE A 226 1.28 6.98 6.34
N ILE A 227 2.50 7.52 6.29
CA ILE A 227 2.80 8.81 6.88
C ILE A 227 3.48 9.74 5.87
N PHE A 228 2.96 10.95 5.73
CA PHE A 228 3.60 11.96 4.87
C PHE A 228 4.41 12.95 5.70
N GLN A 229 5.57 13.33 5.18
CA GLN A 229 6.42 14.31 5.85
C GLN A 229 7.10 15.20 4.81
N PRO A 230 7.37 16.46 5.18
CA PRO A 230 8.15 17.33 4.28
C PRO A 230 9.58 16.81 4.16
N PRO A 231 10.25 17.10 3.04
CA PRO A 231 11.61 16.63 2.78
C PRO A 231 12.58 17.03 3.88
N SER A 232 13.59 16.20 4.12
CA SER A 232 14.58 16.48 5.15
C SER A 232 15.93 16.81 4.53
N GLY A 233 16.16 18.09 4.30
CA GLY A 233 17.41 18.55 3.71
C GLY A 233 17.48 18.28 2.22
N GLY A 234 18.55 18.77 1.59
CA GLY A 234 18.71 18.63 0.15
C GLY A 234 18.62 19.96 -0.55
N ASP A 235 18.83 19.96 -1.87
CA ASP A 235 18.76 21.18 -2.65
C ASP A 235 17.35 21.76 -2.64
N LEU A 236 17.25 23.06 -2.85
CA LEU A 236 15.96 23.76 -2.84
C LEU A 236 15.00 23.21 -3.89
N GLU A 237 15.55 22.75 -5.02
CA GLU A 237 14.74 22.21 -6.10
C GLU A 237 13.99 20.96 -5.64
N ILE A 238 14.53 20.28 -4.65
CA ILE A 238 13.95 19.03 -4.15
C ILE A 238 13.07 19.25 -2.93
N THR A 239 13.50 20.15 -2.05
CA THR A 239 12.77 20.40 -0.81
C THR A 239 11.52 21.25 -1.05
N MET A 240 11.49 21.93 -2.20
CA MET A 240 10.34 22.76 -2.56
C MET A 240 9.71 22.29 -3.88
N HIS A 241 8.46 22.66 -4.09
CA HIS A 241 7.80 22.46 -5.38
C HIS A 241 8.32 23.52 -6.33
N SER A 242 9.17 23.12 -7.26
CA SER A 242 9.71 24.06 -8.24
C SER A 242 9.08 23.84 -9.61
N PHE A 243 8.82 24.92 -10.31
CA PHE A 243 8.24 24.85 -11.64
C PHE A 243 8.49 26.15 -12.36
N ASN A 244 8.16 26.19 -13.64
CA ASN A 244 8.35 27.41 -14.41
C ASN A 244 7.02 27.99 -14.89
N CYS A 245 6.75 29.22 -14.47
CA CYS A 245 5.52 29.91 -14.85
C CYS A 245 5.85 31.11 -15.71
N ARG A 246 5.53 31.01 -17.00
CA ARG A 246 5.71 32.09 -17.95
C ARG A 246 7.16 32.57 -18.06
N GLY A 247 8.10 31.65 -17.87
CA GLY A 247 9.51 31.96 -17.99
C GLY A 247 10.19 32.14 -16.64
N GLU A 248 9.40 32.35 -15.60
CA GLU A 248 9.93 32.59 -14.27
C GLU A 248 9.97 31.31 -13.43
N PHE A 249 11.05 31.10 -12.71
CA PHE A 249 11.19 29.92 -11.85
C PHE A 249 10.55 30.18 -10.49
N PHE A 250 9.52 29.40 -10.17
CA PHE A 250 8.84 29.48 -8.87
C PHE A 250 9.31 28.35 -7.96
N TYR A 251 9.53 28.67 -6.70
CA TYR A 251 9.86 27.67 -5.68
C TYR A 251 8.85 27.79 -4.54
N CYS A 252 8.04 26.75 -4.34
CA CYS A 252 6.96 26.84 -3.37
C CYS A 252 7.08 25.86 -2.21
N ASN A 253 6.82 26.35 -1.00
CA ASN A 253 6.88 25.54 0.21
C ASN A 253 5.62 24.70 0.36
N THR A 254 5.78 23.38 0.32
CA THR A 254 4.64 22.47 0.35
C THR A 254 4.42 21.77 1.69
N THR A 255 4.96 22.35 2.77
CA THR A 255 4.80 21.78 4.10
C THR A 255 3.32 21.57 4.45
N GLN A 256 2.49 22.54 4.09
CA GLN A 256 1.06 22.48 4.37
C GLN A 256 0.33 21.40 3.56
N LEU A 257 0.94 20.92 2.48
CA LEU A 257 0.31 19.90 1.65
C LEU A 257 0.56 18.50 2.18
N PHE A 258 1.69 18.31 2.81
CA PHE A 258 2.05 17.00 3.31
C PHE A 258 2.08 17.02 4.84
N ASN A 259 0.92 17.37 5.39
CA ASN A 259 0.70 17.54 6.81
C ASN A 259 -0.29 16.46 7.27
N ASN A 260 0.26 15.30 7.63
CA ASN A 260 -0.57 14.16 8.00
C ASN A 260 -1.78 14.49 8.86
N THR A 261 -1.81 15.70 9.40
CA THR A 261 -2.89 16.09 10.31
C THR A 261 -4.24 16.10 9.60
N CYS A 262 -4.32 16.75 8.46
CA CYS A 262 -5.59 16.91 7.76
C CYS A 262 -6.08 15.62 7.09
N ILE A 263 -5.16 14.69 6.84
CA ILE A 263 -5.49 13.44 6.16
C ILE A 263 -6.39 12.55 7.01
N ASN A 272 -9.88 22.52 5.85
CA ASN A 272 -10.63 22.24 4.62
C ASN A 272 -10.81 23.48 3.74
N GLY A 273 -10.35 24.62 4.23
CA GLY A 273 -10.44 25.86 3.49
C GLY A 273 -9.34 25.99 2.46
N THR A 274 -9.07 27.22 2.04
CA THR A 274 -8.03 27.47 1.05
C THR A 274 -6.64 27.39 1.68
N ILE A 275 -5.77 26.58 1.09
CA ILE A 275 -4.39 26.47 1.53
C ILE A 275 -3.51 27.42 0.73
N THR A 276 -2.79 28.30 1.41
CA THR A 276 -1.91 29.25 0.75
C THR A 276 -0.44 28.91 1.00
N LEU A 277 0.24 28.46 -0.06
CA LEU A 277 1.65 28.11 0.03
C LEU A 277 2.51 29.33 -0.25
N PRO A 278 3.50 29.61 0.62
CA PRO A 278 4.43 30.70 0.35
C PRO A 278 5.44 30.32 -0.74
N CYS A 279 5.62 31.19 -1.71
CA CYS A 279 6.50 30.91 -2.84
C CYS A 279 7.54 32.01 -3.06
N LYS A 280 8.60 31.67 -3.78
CA LYS A 280 9.62 32.64 -4.15
C LYS A 280 10.03 32.45 -5.61
N ILE A 281 10.17 33.55 -6.33
CA ILE A 281 10.76 33.51 -7.66
C ILE A 281 12.28 33.55 -7.50
N LYS A 282 12.96 32.55 -8.06
CA LYS A 282 14.41 32.47 -7.94
C LYS A 282 15.12 32.64 -9.28
N GLN A 283 16.22 33.38 -9.27
CA GLN A 283 17.03 33.58 -10.47
C GLN A 283 18.20 32.61 -10.50
N ILE A 284 18.77 32.34 -9.33
CA ILE A 284 19.90 31.43 -9.22
C ILE A 284 19.39 30.03 -8.89
N ILE A 285 19.53 29.11 -9.83
CA ILE A 285 19.01 27.75 -9.64
C ILE A 285 20.01 26.68 -10.05
N ASN A 286 19.77 25.46 -9.59
CA ASN A 286 20.47 24.30 -10.09
C ASN A 286 19.74 23.78 -11.33
N MET A 287 20.41 23.85 -12.47
CA MET A 287 19.78 23.50 -13.75
C MET A 287 19.34 22.04 -13.80
N TRP A 288 18.10 21.82 -14.18
CA TRP A 288 17.55 20.47 -14.27
C TRP A 288 18.23 19.65 -15.36
N GLN A 289 18.84 20.35 -16.31
CA GLN A 289 19.58 19.68 -17.39
C GLN A 289 20.82 18.97 -16.86
N GLY A 290 21.24 19.35 -15.66
CA GLY A 290 22.41 18.74 -15.04
C GLY A 290 23.71 19.40 -15.45
N THR A 291 23.62 20.66 -15.84
CA THR A 291 24.79 21.38 -16.35
C THR A 291 25.33 22.39 -15.33
N GLY A 292 24.93 22.25 -14.08
CA GLY A 292 25.45 23.09 -13.02
C GLY A 292 24.50 24.20 -12.58
N GLN A 293 25.07 25.27 -12.05
CA GLN A 293 24.30 26.40 -11.54
C GLN A 293 24.18 27.50 -12.60
N ALA A 294 23.07 28.23 -12.57
CA ALA A 294 22.87 29.34 -13.50
C ALA A 294 22.04 30.46 -12.87
N MET A 295 22.30 31.69 -13.31
CA MET A 295 21.48 32.83 -12.91
C MET A 295 20.65 33.32 -14.08
N TYR A 296 19.33 33.32 -13.91
CA TYR A 296 18.43 33.81 -14.94
C TYR A 296 18.03 35.25 -14.67
N ALA A 297 17.32 35.86 -15.62
CA ALA A 297 16.94 37.27 -15.51
C ALA A 297 15.86 37.47 -14.44
N PRO A 298 15.82 38.68 -13.85
CA PRO A 298 14.78 39.02 -12.87
C PRO A 298 13.39 39.04 -13.51
N PRO A 299 12.33 38.89 -12.70
CA PRO A 299 10.96 38.75 -13.22
C PRO A 299 10.44 39.98 -13.95
N ILE A 300 9.50 39.75 -14.87
CA ILE A 300 8.83 40.83 -15.56
C ILE A 300 7.89 41.55 -14.61
N ASP A 301 7.45 42.74 -15.00
CA ASP A 301 6.51 43.52 -14.20
C ASP A 301 5.08 43.01 -14.40
N GLY A 302 4.18 43.43 -13.52
CA GLY A 302 2.78 43.06 -13.63
C GLY A 302 2.45 41.74 -12.96
N LYS A 303 1.19 41.33 -13.08
CA LYS A 303 0.73 40.09 -12.46
C LYS A 303 1.27 38.87 -13.21
N ILE A 304 1.92 37.98 -12.48
CA ILE A 304 2.38 36.71 -13.04
C ILE A 304 1.56 35.59 -12.43
N ASN A 305 0.81 34.88 -13.27
CA ASN A 305 -0.13 33.88 -12.78
C ASN A 305 -0.15 32.60 -13.61
N CYS A 306 -0.19 31.47 -12.93
CA CYS A 306 -0.31 30.16 -13.57
C CYS A 306 -1.26 29.28 -12.79
N VAL A 307 -2.30 28.79 -13.47
CA VAL A 307 -3.23 27.84 -12.87
C VAL A 307 -3.01 26.47 -13.52
N SER A 308 -2.60 25.50 -12.71
CA SER A 308 -2.25 24.18 -13.21
C SER A 308 -3.04 23.06 -12.55
N ASN A 309 -3.18 21.95 -13.26
CA ASN A 309 -3.77 20.75 -12.68
C ASN A 309 -2.70 19.84 -12.11
N ILE A 310 -2.76 19.57 -10.82
CA ILE A 310 -1.90 18.55 -10.23
C ILE A 310 -2.45 17.19 -10.65
N THR A 311 -1.66 16.43 -11.40
CA THR A 311 -2.12 15.15 -11.92
C THR A 311 -1.25 13.99 -11.42
N GLY A 312 -0.18 14.33 -10.71
CA GLY A 312 0.73 13.33 -10.20
C GLY A 312 1.58 13.83 -9.06
N ILE A 313 2.16 12.89 -8.31
CA ILE A 313 3.05 13.24 -7.21
C ILE A 313 4.32 12.38 -7.28
N LEU A 314 5.46 13.00 -7.05
CA LEU A 314 6.73 12.28 -6.95
C LEU A 314 7.09 12.08 -5.48
N LEU A 315 7.25 10.82 -5.08
CA LEU A 315 7.51 10.52 -3.67
C LEU A 315 8.79 9.73 -3.45
N THR A 316 9.41 9.94 -2.29
CA THR A 316 10.54 9.15 -1.86
C THR A 316 10.24 8.57 -0.47
N ARG A 317 10.40 7.26 -0.32
CA ARG A 317 10.09 6.59 0.92
C ARG A 317 11.29 6.54 1.88
N ASP A 318 11.04 6.77 3.15
CA ASP A 318 12.08 6.71 4.18
C ASP A 318 12.64 5.30 4.33
N GLY A 319 13.95 5.21 4.54
CA GLY A 319 14.57 3.94 4.86
C GLY A 319 14.60 3.73 6.37
N GLY A 320 14.95 2.53 6.80
CA GLY A 320 15.11 2.23 8.21
C GLY A 320 13.82 1.97 8.97
N ALA A 321 12.74 1.63 8.26
CA ALA A 321 11.44 1.45 8.89
C ALA A 321 10.93 0.02 8.86
N ASN A 322 11.81 -0.94 8.55
CA ASN A 322 11.41 -2.34 8.43
C ASN A 322 10.91 -2.96 9.74
N ASN A 323 11.39 -2.44 10.87
CA ASN A 323 11.01 -3.00 12.16
C ASN A 323 9.89 -2.22 12.86
N THR A 324 9.22 -1.36 12.10
CA THR A 324 8.09 -0.59 12.61
C THR A 324 6.88 -0.81 11.70
N SER A 325 5.71 -0.38 12.16
CA SER A 325 4.49 -0.52 11.37
C SER A 325 4.22 0.70 10.49
N ASN A 326 5.19 1.61 10.44
CA ASN A 326 5.02 2.83 9.66
C ASN A 326 5.87 2.86 8.39
N GLU A 327 5.35 3.50 7.35
CA GLU A 327 6.13 3.86 6.17
C GLU A 327 5.97 5.35 5.95
N THR A 328 7.09 6.05 5.74
CA THR A 328 7.07 7.50 5.60
C THR A 328 7.43 7.94 4.19
N PHE A 329 6.64 8.84 3.64
CA PHE A 329 6.85 9.33 2.28
C PHE A 329 7.03 10.84 2.24
N ARG A 330 8.00 11.29 1.46
CA ARG A 330 8.28 12.71 1.32
C ARG A 330 8.30 13.08 -0.15
N PRO A 331 7.77 14.26 -0.49
CA PRO A 331 7.80 14.72 -1.90
C PRO A 331 9.23 14.87 -2.38
N GLY A 332 9.49 14.50 -3.63
CA GLY A 332 10.84 14.51 -4.16
C GLY A 332 10.91 14.95 -5.61
N GLY A 333 11.75 14.27 -6.37
CA GLY A 333 11.97 14.62 -7.78
C GLY A 333 13.42 14.94 -8.03
N GLY A 334 13.69 15.69 -9.10
CA GLY A 334 15.05 16.06 -9.43
C GLY A 334 15.53 15.43 -10.72
N ASN A 335 14.93 14.29 -11.06
CA ASN A 335 15.18 13.64 -12.33
C ASN A 335 14.00 13.89 -13.25
N ILE A 336 14.16 14.87 -14.13
CA ILE A 336 13.07 15.29 -15.02
C ILE A 336 12.61 14.18 -15.96
N LYS A 337 13.47 13.18 -16.19
CA LYS A 337 13.09 12.03 -17.00
C LYS A 337 11.88 11.31 -16.42
N ASP A 338 11.75 11.35 -15.10
CA ASP A 338 10.59 10.76 -14.43
C ASP A 338 9.31 11.48 -14.82
N ASN A 339 9.39 12.79 -15.05
CA ASN A 339 8.25 13.53 -15.55
C ASN A 339 7.77 12.98 -16.89
N TRP A 340 8.72 12.70 -17.79
CA TRP A 340 8.36 12.15 -19.09
C TRP A 340 7.85 10.71 -18.97
N ARG A 341 8.43 9.96 -18.03
CA ARG A 341 7.98 8.60 -17.76
C ARG A 341 6.53 8.54 -17.34
N SER A 342 6.10 9.57 -16.62
CA SER A 342 4.74 9.60 -16.08
C SER A 342 3.69 9.71 -17.19
N GLU A 343 4.13 10.06 -18.39
CA GLU A 343 3.24 10.17 -19.54
C GLU A 343 3.55 9.11 -20.61
N LEU A 344 4.80 8.68 -20.67
CA LEU A 344 5.25 7.74 -21.70
C LEU A 344 5.18 6.27 -21.27
N TYR A 345 4.69 6.02 -20.05
CA TYR A 345 4.73 4.69 -19.46
C TYR A 345 4.01 3.61 -20.28
N LYS A 346 2.97 4.01 -21.01
CA LYS A 346 2.13 3.05 -21.70
C LYS A 346 2.57 2.78 -23.15
N TYR A 347 3.66 3.39 -23.56
CA TYR A 347 4.14 3.26 -24.94
C TYR A 347 5.48 2.54 -25.04
N LYS A 348 5.64 1.76 -26.11
CA LYS A 348 6.95 1.22 -26.46
C LYS A 348 7.08 1.07 -27.97
N VAL A 349 8.30 1.19 -28.47
CA VAL A 349 8.55 1.11 -29.90
C VAL A 349 8.91 -0.32 -30.30
N VAL A 350 8.31 -0.80 -31.37
CA VAL A 350 8.68 -2.10 -31.93
C VAL A 350 8.98 -1.98 -33.43
N GLN A 351 9.85 -2.87 -33.91
CA GLN A 351 10.19 -2.90 -35.33
C GLN A 351 9.37 -3.98 -36.03
N ILE A 352 8.74 -3.61 -37.13
CA ILE A 352 7.92 -4.55 -37.91
C ILE A 352 8.77 -5.30 -38.93
N GLU A 353 8.68 -6.62 -38.91
CA GLU A 353 9.40 -7.44 -39.89
C GLU A 353 8.63 -7.50 -41.20
N VAL B 1 -25.28 -29.55 -9.56
CA VAL B 1 -25.49 -30.37 -8.38
C VAL B 1 -24.18 -30.65 -7.66
N TRP B 2 -24.14 -30.36 -6.37
CA TRP B 2 -22.91 -30.54 -5.59
C TRP B 2 -23.12 -31.37 -4.33
N LYS B 3 -22.03 -31.64 -3.63
CA LYS B 3 -22.06 -32.38 -2.39
C LYS B 3 -20.85 -31.98 -1.55
N ASP B 4 -20.99 -32.06 -0.23
CA ASP B 4 -19.89 -31.74 0.67
C ASP B 4 -18.70 -32.68 0.45
N ALA B 5 -17.52 -32.11 0.26
CA ALA B 5 -16.33 -32.90 -0.01
C ALA B 5 -15.06 -32.18 0.42
N ASP B 6 -14.03 -32.97 0.74
CA ASP B 6 -12.72 -32.43 1.06
C ASP B 6 -11.75 -32.74 -0.07
N THR B 7 -10.85 -31.81 -0.37
CA THR B 7 -9.87 -32.03 -1.43
C THR B 7 -8.61 -31.22 -1.17
N THR B 8 -7.59 -31.46 -1.98
CA THR B 8 -6.32 -30.75 -1.86
C THR B 8 -6.43 -29.35 -2.44
N LEU B 9 -6.48 -28.35 -1.56
CA LEU B 9 -6.55 -26.95 -1.98
C LEU B 9 -5.16 -26.46 -2.36
N PHE B 10 -5.10 -25.39 -3.14
CA PHE B 10 -3.84 -24.71 -3.38
C PHE B 10 -3.93 -23.27 -2.90
N CYS B 11 -2.79 -22.62 -2.73
CA CYS B 11 -2.77 -21.25 -2.21
C CYS B 11 -2.38 -20.23 -3.27
N ALA B 12 -2.85 -19.01 -3.09
CA ALA B 12 -2.52 -17.91 -3.99
C ALA B 12 -2.13 -16.67 -3.18
N SER B 13 -1.18 -15.89 -3.70
CA SER B 13 -0.72 -14.69 -3.02
C SER B 13 -0.07 -13.71 -3.98
N ASP B 14 0.32 -12.55 -3.45
CA ASP B 14 1.02 -11.54 -4.24
C ASP B 14 2.45 -11.36 -3.73
N ALA B 15 3.08 -12.45 -3.33
CA ALA B 15 4.43 -12.43 -2.78
C ALA B 15 5.46 -11.97 -3.82
N LYS B 16 6.53 -11.34 -3.34
CA LYS B 16 7.59 -10.87 -4.21
C LYS B 16 8.78 -11.83 -4.19
N ALA B 17 9.31 -12.15 -5.36
CA ALA B 17 10.36 -13.15 -5.50
C ALA B 17 11.72 -12.66 -5.02
N HIS B 18 11.88 -11.36 -4.90
CA HIS B 18 13.17 -10.79 -4.50
C HIS B 18 13.28 -10.57 -2.99
N GLU B 19 12.16 -10.69 -2.29
CA GLU B 19 12.11 -10.44 -0.86
C GLU B 19 12.77 -11.55 -0.04
N THR B 20 13.37 -11.16 1.08
CA THR B 20 13.94 -12.12 2.01
C THR B 20 12.99 -12.39 3.18
N GLU B 21 11.92 -11.59 3.26
CA GLU B 21 10.89 -11.79 4.27
C GLU B 21 10.32 -13.19 4.12
N VAL B 22 10.22 -13.91 5.23
CA VAL B 22 9.97 -15.35 5.20
C VAL B 22 8.62 -15.78 4.62
N HIS B 23 7.58 -14.98 4.86
CA HIS B 23 6.27 -15.30 4.29
C HIS B 23 6.29 -15.15 2.77
N ASN B 24 6.98 -14.12 2.29
CA ASN B 24 7.16 -13.92 0.86
C ASN B 24 7.93 -15.07 0.21
N VAL B 25 9.00 -15.50 0.87
CA VAL B 25 9.82 -16.60 0.36
C VAL B 25 9.00 -17.89 0.23
N TRP B 26 8.26 -18.21 1.27
CA TRP B 26 7.43 -19.42 1.28
C TRP B 26 6.36 -19.37 0.19
N ALA B 27 5.62 -18.28 0.14
CA ALA B 27 4.53 -18.13 -0.83
C ALA B 27 5.03 -18.13 -2.27
N THR B 28 6.28 -17.70 -2.46
CA THR B 28 6.88 -17.68 -3.79
C THR B 28 7.05 -19.09 -4.36
N HIS B 29 7.42 -20.04 -3.49
CA HIS B 29 7.65 -21.41 -3.95
C HIS B 29 6.48 -22.35 -3.67
N ALA B 30 5.52 -21.91 -2.85
CA ALA B 30 4.41 -22.78 -2.44
C ALA B 30 3.05 -22.31 -2.97
N CYS B 31 2.99 -21.08 -3.47
CA CYS B 31 1.72 -20.54 -3.96
C CYS B 31 1.84 -20.04 -5.40
N VAL B 32 0.70 -19.78 -6.02
CA VAL B 32 0.63 -19.19 -7.35
C VAL B 32 0.18 -17.73 -7.21
N PRO B 33 0.38 -16.92 -8.25
CA PRO B 33 -0.14 -15.55 -8.22
C PRO B 33 -1.66 -15.50 -8.11
N THR B 34 -2.20 -14.42 -7.55
CA THR B 34 -3.65 -14.28 -7.38
C THR B 34 -4.34 -14.02 -8.72
N ASP B 35 -5.64 -14.30 -8.76
CA ASP B 35 -6.44 -14.05 -9.95
C ASP B 35 -6.87 -12.59 -9.99
N PRO B 36 -6.49 -11.87 -11.05
CA PRO B 36 -6.88 -10.47 -11.22
C PRO B 36 -8.37 -10.30 -11.45
N ASN B 37 -9.02 -11.35 -11.97
CA ASN B 37 -10.45 -11.33 -12.20
C ASN B 37 -11.19 -12.45 -11.48
N PRO B 38 -11.38 -12.31 -10.15
CA PRO B 38 -12.10 -13.32 -9.38
C PRO B 38 -13.60 -13.28 -9.67
N GLN B 39 -14.19 -14.46 -9.89
CA GLN B 39 -15.60 -14.55 -10.24
C GLN B 39 -16.43 -15.14 -9.10
N GLU B 40 -17.39 -14.35 -8.61
CA GLU B 40 -18.31 -14.81 -7.58
C GLU B 40 -19.72 -14.90 -8.15
N ILE B 41 -20.38 -16.03 -7.93
CA ILE B 41 -21.72 -16.25 -8.45
C ILE B 41 -22.73 -16.48 -7.35
N HIS B 42 -23.75 -15.62 -7.29
CA HIS B 42 -24.81 -15.77 -6.31
C HIS B 42 -25.76 -16.90 -6.69
N LEU B 43 -25.92 -17.86 -5.79
CA LEU B 43 -26.81 -18.99 -6.02
C LEU B 43 -28.22 -18.65 -5.57
N GLU B 44 -29.08 -18.34 -6.53
CA GLU B 44 -30.45 -17.91 -6.24
C GLU B 44 -31.27 -19.01 -5.58
N ASN B 45 -31.92 -18.67 -4.47
CA ASN B 45 -32.76 -19.60 -3.72
C ASN B 45 -32.06 -20.89 -3.31
N VAL B 46 -30.78 -20.79 -2.99
CA VAL B 46 -30.03 -21.96 -2.53
C VAL B 46 -29.68 -21.84 -1.04
N THR B 47 -30.12 -22.82 -0.26
CA THR B 47 -29.84 -22.85 1.16
C THR B 47 -28.85 -23.95 1.50
N GLU B 48 -27.70 -23.57 2.05
CA GLU B 48 -26.67 -24.53 2.42
C GLU B 48 -26.36 -24.50 3.91
N ASN B 49 -26.04 -25.66 4.46
CA ASN B 49 -25.67 -25.76 5.87
C ASN B 49 -24.15 -25.75 6.04
N PHE B 50 -23.68 -24.95 7.00
CA PHE B 50 -22.26 -24.82 7.24
C PHE B 50 -21.88 -25.31 8.65
N ASN B 51 -20.60 -25.58 8.85
CA ASN B 51 -20.08 -25.97 10.15
C ASN B 51 -18.61 -25.60 10.28
N MET B 52 -18.35 -24.42 10.82
CA MET B 52 -16.99 -23.90 10.94
C MET B 52 -16.10 -24.75 11.83
N TRP B 53 -16.72 -25.54 12.71
CA TRP B 53 -15.97 -26.34 13.68
C TRP B 53 -15.58 -27.70 13.12
N LYS B 54 -16.19 -28.07 12.00
CA LYS B 54 -15.82 -29.28 11.29
C LYS B 54 -15.54 -28.93 9.83
N ASN B 55 -14.45 -28.21 9.60
CA ASN B 55 -14.09 -27.73 8.27
C ASN B 55 -12.64 -28.07 7.93
N ASN B 56 -12.46 -28.93 6.93
CA ASN B 56 -11.14 -29.41 6.55
C ASN B 56 -10.21 -28.30 6.05
N MET B 57 -10.79 -27.19 5.63
CA MET B 57 -10.00 -26.03 5.20
C MET B 57 -9.12 -25.53 6.34
N VAL B 58 -9.62 -25.64 7.56
CA VAL B 58 -8.87 -25.20 8.74
C VAL B 58 -7.62 -26.05 8.94
N GLU B 59 -7.78 -27.37 8.84
CA GLU B 59 -6.65 -28.29 8.97
C GLU B 59 -5.60 -28.04 7.89
N GLN B 60 -6.06 -27.71 6.67
CA GLN B 60 -5.15 -27.48 5.56
C GLN B 60 -4.32 -26.20 5.72
N MET B 61 -4.96 -25.13 6.21
CA MET B 61 -4.24 -23.90 6.48
C MET B 61 -3.24 -24.10 7.60
N GLN B 62 -3.63 -24.86 8.61
CA GLN B 62 -2.76 -25.18 9.74
C GLN B 62 -1.48 -25.86 9.26
N GLU B 63 -1.64 -26.82 8.37
CA GLU B 63 -0.49 -27.55 7.81
C GLU B 63 0.46 -26.61 7.05
N ASP B 64 -0.11 -25.63 6.36
CA ASP B 64 0.70 -24.64 5.65
C ASP B 64 1.51 -23.76 6.60
N VAL B 65 0.85 -23.24 7.64
CA VAL B 65 1.51 -22.33 8.57
C VAL B 65 2.60 -23.07 9.36
N ILE B 66 2.31 -24.31 9.73
CA ILE B 66 3.31 -25.16 10.39
C ILE B 66 4.52 -25.35 9.47
N SER B 67 4.25 -25.64 8.20
CA SER B 67 5.31 -25.82 7.22
C SER B 67 6.11 -24.52 7.06
N LEU B 68 5.40 -23.40 6.98
CA LEU B 68 6.03 -22.09 6.86
C LEU B 68 6.96 -21.82 8.04
N TRP B 69 6.46 -22.03 9.26
CA TRP B 69 7.23 -21.76 10.46
C TRP B 69 8.45 -22.67 10.61
N ASP B 70 8.28 -23.95 10.27
CA ASP B 70 9.37 -24.91 10.40
C ASP B 70 10.53 -24.60 9.44
N GLN B 71 10.20 -24.04 8.29
CA GLN B 71 11.21 -23.69 7.29
C GLN B 71 11.82 -22.32 7.54
N SER B 72 11.15 -21.51 8.36
CA SER B 72 11.54 -20.11 8.50
C SER B 72 12.06 -19.76 9.89
N LEU B 73 11.42 -20.27 10.92
CA LEU B 73 11.78 -19.94 12.30
C LEU B 73 12.46 -21.08 13.03
N GLN B 74 13.71 -21.33 12.69
CA GLN B 74 14.51 -22.33 13.39
C GLN B 74 15.27 -21.68 14.54
N PRO B 75 14.98 -22.12 15.77
CA PRO B 75 15.60 -21.59 16.99
C PRO B 75 17.05 -22.02 17.15
N CYS B 76 17.75 -21.44 18.12
CA CYS B 76 19.13 -21.82 18.41
C CYS B 76 19.17 -23.22 18.99
N VAL B 77 18.23 -23.49 19.88
CA VAL B 77 18.12 -24.80 20.50
C VAL B 77 16.67 -25.27 20.44
N LYS B 78 16.48 -26.53 20.04
CA LYS B 78 15.14 -27.11 20.00
C LYS B 78 15.07 -28.33 20.89
N LEU B 79 14.16 -28.29 21.87
CA LEU B 79 14.00 -29.39 22.81
C LEU B 79 12.76 -30.21 22.47
N THR B 80 12.94 -31.29 21.73
CA THR B 80 11.82 -32.11 21.30
C THR B 80 12.16 -33.61 21.29
N GLY B 81 11.28 -34.40 21.89
CA GLY B 81 11.42 -35.85 21.90
C GLY B 81 12.68 -36.34 22.59
N GLY B 82 13.03 -35.70 23.71
CA GLY B 82 14.20 -36.09 24.47
C GLY B 82 15.50 -35.81 23.75
N SER B 83 15.44 -34.95 22.74
CA SER B 83 16.62 -34.60 21.97
C SER B 83 16.92 -33.10 22.07
N VAL B 84 18.20 -32.76 21.96
CA VAL B 84 18.62 -31.37 21.99
C VAL B 84 19.32 -30.99 20.69
N ILE B 85 18.64 -30.22 19.85
CA ILE B 85 19.17 -29.84 18.55
C ILE B 85 19.74 -28.43 18.59
N LYS B 86 21.05 -28.31 18.42
CA LYS B 86 21.72 -27.01 18.42
C LYS B 86 22.10 -26.61 17.00
N GLN B 87 21.66 -25.44 16.57
CA GLN B 87 21.96 -24.95 15.24
C GLN B 87 22.09 -23.43 15.22
N ALA B 88 22.39 -22.88 14.04
CA ALA B 88 22.51 -21.44 13.88
C ALA B 88 21.15 -20.76 14.05
N CYS B 89 21.16 -19.58 14.65
CA CYS B 89 19.92 -18.83 14.87
C CYS B 89 20.04 -17.40 14.36
N PRO B 90 20.09 -17.22 13.03
CA PRO B 90 20.18 -15.87 12.47
C PRO B 90 18.84 -15.16 12.55
N LYS B 91 18.87 -13.84 12.73
CA LYS B 91 17.65 -13.05 12.75
C LYS B 91 17.02 -13.02 11.37
N ILE B 92 15.70 -13.05 11.33
CA ILE B 92 14.99 -13.10 10.05
C ILE B 92 14.09 -11.89 9.84
N SER B 93 13.63 -11.72 8.61
CA SER B 93 12.62 -10.74 8.29
C SER B 93 11.26 -11.42 8.34
N PHE B 94 10.36 -10.89 9.17
CA PHE B 94 9.10 -11.56 9.47
C PHE B 94 7.93 -10.58 9.46
N ASP B 95 7.01 -10.77 8.53
CA ASP B 95 5.78 -9.98 8.45
C ASP B 95 4.77 -10.70 7.57
N PRO B 96 3.72 -11.27 8.18
CA PRO B 96 2.73 -12.09 7.47
C PRO B 96 2.11 -11.35 6.29
N ILE B 97 1.78 -12.09 5.22
CA ILE B 97 1.10 -11.51 4.08
C ILE B 97 -0.20 -12.28 3.83
N PRO B 98 -1.16 -11.67 3.13
CA PRO B 98 -2.43 -12.36 2.85
C PRO B 98 -2.24 -13.61 1.99
N ILE B 99 -2.91 -14.68 2.38
CA ILE B 99 -2.88 -15.93 1.62
C ILE B 99 -4.30 -16.33 1.24
N HIS B 100 -4.50 -16.63 -0.04
CA HIS B 100 -5.80 -17.08 -0.53
C HIS B 100 -5.81 -18.59 -0.69
N TYR B 101 -6.91 -19.23 -0.28
CA TYR B 101 -7.05 -20.67 -0.46
C TYR B 101 -8.06 -21.00 -1.55
N CYS B 102 -7.66 -21.84 -2.50
CA CYS B 102 -8.43 -22.06 -3.70
C CYS B 102 -8.68 -23.54 -3.99
N THR B 103 -9.80 -23.83 -4.64
CA THR B 103 -10.15 -25.18 -5.04
C THR B 103 -9.65 -25.50 -6.45
N PRO B 104 -9.25 -26.75 -6.70
CA PRO B 104 -8.84 -27.20 -8.03
C PRO B 104 -10.05 -27.46 -8.92
N ALA B 105 -9.81 -27.92 -10.15
CA ALA B 105 -10.89 -28.20 -11.09
C ALA B 105 -11.82 -29.29 -10.57
N GLY B 106 -13.12 -29.11 -10.80
CA GLY B 106 -14.11 -30.06 -10.34
C GLY B 106 -14.67 -29.72 -8.97
N TYR B 107 -14.11 -28.67 -8.36
CA TYR B 107 -14.54 -28.23 -7.04
C TYR B 107 -14.74 -26.72 -7.02
N VAL B 108 -15.65 -26.25 -6.17
CA VAL B 108 -15.80 -24.83 -5.91
C VAL B 108 -15.96 -24.57 -4.41
N ILE B 109 -15.83 -23.31 -4.01
CA ILE B 109 -16.01 -22.94 -2.61
C ILE B 109 -17.34 -22.20 -2.43
N LEU B 110 -18.19 -22.73 -1.56
CA LEU B 110 -19.45 -22.06 -1.25
C LEU B 110 -19.25 -21.08 -0.10
N LYS B 111 -19.74 -19.86 -0.29
CA LYS B 111 -19.54 -18.79 0.69
C LYS B 111 -20.86 -18.31 1.29
N CYS B 112 -20.94 -18.36 2.61
CA CYS B 112 -22.11 -17.85 3.31
C CYS B 112 -22.02 -16.35 3.47
N ASN B 113 -23.08 -15.64 3.11
CA ASN B 113 -23.06 -14.18 3.10
C ASN B 113 -24.03 -13.55 4.10
N ASP B 114 -24.70 -14.37 4.90
CA ASP B 114 -25.59 -13.88 5.95
C ASP B 114 -24.79 -13.05 6.95
N LYS B 115 -25.17 -11.78 7.11
CA LYS B 115 -24.43 -10.86 7.97
C LYS B 115 -24.54 -11.21 9.46
N ASN B 116 -25.50 -12.07 9.80
CA ASN B 116 -25.67 -12.52 11.17
C ASN B 116 -25.34 -14.00 11.35
N PHE B 117 -24.54 -14.54 10.42
CA PHE B 117 -24.17 -15.94 10.43
C PHE B 117 -23.22 -16.25 11.60
N ASN B 118 -23.64 -17.18 12.46
CA ASN B 118 -22.88 -17.51 13.67
C ASN B 118 -21.76 -18.53 13.46
N GLY B 119 -21.76 -19.20 12.32
CA GLY B 119 -20.73 -20.17 12.01
C GLY B 119 -21.25 -21.56 11.71
N THR B 120 -22.44 -21.87 12.23
CA THR B 120 -23.06 -23.17 11.99
C THR B 120 -24.50 -23.01 11.51
N GLY B 121 -25.09 -24.11 11.06
CA GLY B 121 -26.46 -24.10 10.62
C GLY B 121 -26.62 -23.69 9.16
N PRO B 122 -27.88 -23.42 8.75
CA PRO B 122 -28.20 -23.06 7.37
C PRO B 122 -27.80 -21.62 7.02
N CYS B 123 -27.69 -21.34 5.73
CA CYS B 123 -27.34 -20.00 5.26
C CYS B 123 -28.26 -19.62 4.11
N LYS B 124 -28.91 -18.46 4.23
CA LYS B 124 -29.89 -18.03 3.24
C LYS B 124 -29.25 -17.43 2.00
N ASN B 125 -28.15 -16.69 2.18
CA ASN B 125 -27.48 -15.91 1.15
C ASN B 125 -26.14 -16.54 0.79
N VAL B 126 -26.18 -17.53 -0.19
CA VAL B 126 -24.99 -18.31 -0.52
C VAL B 126 -24.46 -17.97 -1.91
N SER B 127 -23.15 -17.83 -2.01
CA SER B 127 -22.49 -17.59 -3.30
C SER B 127 -21.37 -18.61 -3.53
N SER B 128 -20.90 -18.70 -4.76
CA SER B 128 -19.82 -19.62 -5.10
C SER B 128 -18.57 -18.86 -5.54
N VAL B 129 -17.43 -19.22 -4.94
CA VAL B 129 -16.17 -18.58 -5.27
C VAL B 129 -15.08 -19.61 -5.57
N GLN B 130 -14.02 -19.17 -6.23
CA GLN B 130 -12.88 -20.03 -6.52
C GLN B 130 -11.84 -19.97 -5.40
N CYS B 131 -11.69 -18.79 -4.80
CA CYS B 131 -10.74 -18.60 -3.72
C CYS B 131 -11.36 -17.86 -2.55
N THR B 132 -10.82 -18.08 -1.36
CA THR B 132 -11.22 -17.31 -0.19
C THR B 132 -10.61 -15.92 -0.29
N HIS B 133 -10.99 -15.04 0.63
CA HIS B 133 -10.36 -13.73 0.72
C HIS B 133 -8.93 -13.89 1.25
N GLY B 134 -8.15 -12.83 1.14
CA GLY B 134 -6.77 -12.86 1.60
C GLY B 134 -6.66 -12.93 3.11
N ILE B 135 -6.09 -14.01 3.61
CA ILE B 135 -5.98 -14.25 5.05
C ILE B 135 -4.54 -14.25 5.52
N LYS B 136 -4.24 -13.36 6.48
CA LYS B 136 -2.91 -13.33 7.07
C LYS B 136 -2.80 -14.40 8.16
N PRO B 137 -1.79 -15.27 8.05
CA PRO B 137 -1.58 -16.35 9.02
C PRO B 137 -0.97 -15.85 10.31
N VAL B 138 -1.70 -14.99 11.02
CA VAL B 138 -1.20 -14.39 12.26
C VAL B 138 -1.37 -15.35 13.44
N VAL B 139 -0.25 -15.76 14.03
CA VAL B 139 -0.28 -16.67 15.17
C VAL B 139 -0.31 -15.87 16.47
N SER B 140 -1.39 -16.03 17.23
CA SER B 140 -1.54 -15.32 18.49
C SER B 140 -2.51 -16.01 19.44
N THR B 141 -2.52 -15.58 20.69
CA THR B 141 -3.49 -16.07 21.67
C THR B 141 -4.31 -14.91 22.23
N GLN B 142 -5.41 -15.24 22.90
CA GLN B 142 -6.30 -14.25 23.51
C GLN B 142 -6.95 -13.29 22.52
N LEU B 143 -6.13 -12.51 21.81
CA LEU B 143 -6.64 -11.54 20.86
C LEU B 143 -6.35 -11.97 19.42
N LEU B 144 -7.32 -11.78 18.53
CA LEU B 144 -7.13 -12.05 17.12
C LEU B 144 -6.73 -10.76 16.42
N LEU B 145 -5.62 -10.79 15.67
CA LEU B 145 -5.03 -9.58 15.13
C LEU B 145 -5.02 -9.55 13.61
N ASN B 146 -5.18 -8.35 13.05
CA ASN B 146 -5.11 -8.11 11.61
C ASN B 146 -6.05 -8.99 10.80
N GLY B 147 -7.23 -9.28 11.35
CA GLY B 147 -8.19 -10.14 10.69
C GLY B 147 -9.35 -9.37 10.09
N SER B 148 -10.43 -10.08 9.77
CA SER B 148 -11.61 -9.45 9.20
C SER B 148 -12.63 -9.12 10.29
N LEU B 149 -13.49 -8.14 10.00
CA LEU B 149 -14.52 -7.71 10.95
C LEU B 149 -15.90 -8.17 10.51
N ALA B 150 -16.81 -8.34 11.46
CA ALA B 150 -18.20 -8.62 11.15
C ALA B 150 -18.83 -7.36 10.55
N GLU B 151 -19.69 -7.55 9.55
CA GLU B 151 -20.22 -6.41 8.81
C GLU B 151 -21.34 -5.66 9.53
N GLU B 152 -22.06 -6.34 10.41
CA GLU B 152 -23.15 -5.70 11.15
C GLU B 152 -22.97 -5.78 12.66
N GLU B 153 -23.65 -6.72 13.30
CA GLU B 153 -23.57 -6.87 14.75
C GLU B 153 -22.38 -7.74 15.14
N ILE B 154 -21.99 -7.66 16.42
CA ILE B 154 -20.94 -8.51 16.96
C ILE B 154 -21.42 -9.96 16.98
N ILE B 155 -20.62 -10.86 16.40
CA ILE B 155 -21.00 -12.26 16.29
C ILE B 155 -20.32 -13.12 17.36
N ILE B 156 -21.11 -13.95 18.03
CA ILE B 156 -20.58 -14.91 18.99
C ILE B 156 -20.55 -16.30 18.35
N ARG B 157 -19.37 -16.93 18.36
CA ARG B 157 -19.21 -18.23 17.72
C ARG B 157 -18.78 -19.31 18.70
N SER B 158 -19.45 -20.45 18.64
CA SER B 158 -19.13 -21.59 19.49
C SER B 158 -19.76 -22.86 18.95
N GLU B 159 -19.02 -23.97 19.03
CA GLU B 159 -19.54 -25.25 18.56
C GLU B 159 -20.70 -25.70 19.45
N ASN B 160 -20.56 -25.46 20.75
CA ASN B 160 -21.61 -25.72 21.71
C ASN B 160 -21.55 -24.67 22.82
N LEU B 161 -22.38 -23.64 22.70
CA LEU B 161 -22.35 -22.51 23.62
C LEU B 161 -22.75 -22.93 25.04
N THR B 162 -23.51 -24.02 25.14
CA THR B 162 -23.89 -24.56 26.43
C THR B 162 -22.67 -25.25 27.06
N ASN B 163 -21.84 -25.86 26.23
CA ASN B 163 -20.63 -26.52 26.69
C ASN B 163 -19.54 -25.51 27.02
N ASN B 164 -19.16 -25.46 28.30
CA ASN B 164 -18.15 -24.53 28.76
C ASN B 164 -16.74 -24.85 28.26
N ALA B 165 -16.51 -26.13 27.97
CA ALA B 165 -15.19 -26.59 27.54
C ALA B 165 -14.84 -26.12 26.13
N LYS B 166 -15.85 -25.69 25.39
CA LYS B 166 -15.64 -25.22 24.01
C LYS B 166 -15.24 -23.75 23.99
N THR B 167 -14.25 -23.44 23.16
CA THR B 167 -13.75 -22.07 23.02
C THR B 167 -14.79 -21.18 22.34
N ILE B 168 -14.90 -19.94 22.81
CA ILE B 168 -15.80 -18.98 22.20
C ILE B 168 -15.02 -17.97 21.38
N ILE B 169 -15.42 -17.78 20.13
CA ILE B 169 -14.81 -16.77 19.28
C ILE B 169 -15.73 -15.56 19.14
N VAL B 170 -15.26 -14.40 19.57
CA VAL B 170 -16.01 -13.17 19.43
C VAL B 170 -15.53 -12.43 18.18
N HIS B 171 -16.45 -12.13 17.29
CA HIS B 171 -16.12 -11.42 16.05
C HIS B 171 -16.56 -9.96 16.14
N LEU B 172 -15.59 -9.06 16.27
CA LEU B 172 -15.89 -7.64 16.41
C LEU B 172 -16.35 -7.03 15.09
N ASN B 173 -17.14 -5.96 15.19
CA ASN B 173 -17.60 -5.24 14.00
C ASN B 173 -16.92 -3.89 13.86
N LYS B 174 -16.01 -3.61 14.80
CA LYS B 174 -15.20 -2.40 14.77
C LYS B 174 -13.85 -2.69 15.41
N SER B 175 -12.78 -2.49 14.66
CA SER B 175 -11.43 -2.82 15.13
C SER B 175 -10.92 -1.81 16.16
N VAL B 176 -10.02 -2.29 17.02
CA VAL B 176 -9.35 -1.43 17.99
C VAL B 176 -7.85 -1.65 17.92
N GLU B 177 -7.11 -0.58 17.64
CA GLU B 177 -5.66 -0.69 17.48
C GLU B 177 -4.93 -1.03 18.78
N ILE B 178 -3.95 -1.92 18.68
CA ILE B 178 -3.03 -2.19 19.79
C ILE B 178 -1.59 -1.91 19.34
N ASN B 179 -0.95 -0.99 20.05
CA ASN B 179 0.36 -0.48 19.65
C ASN B 179 1.47 -1.02 20.56
N CYS B 180 2.17 -2.03 20.09
CA CYS B 180 3.21 -2.67 20.90
C CYS B 180 4.61 -2.22 20.49
N THR B 181 5.42 -1.86 21.47
CA THR B 181 6.74 -1.30 21.19
C THR B 181 7.81 -1.76 22.19
N ARG B 182 8.95 -2.16 21.67
CA ARG B 182 10.16 -2.31 22.46
C ARG B 182 11.06 -1.13 22.08
N PRO B 183 11.15 -0.13 22.96
CA PRO B 183 11.89 1.11 22.67
C PRO B 183 13.38 0.85 22.39
N SER B 184 13.98 1.68 21.56
CA SER B 184 15.39 1.53 21.18
C SER B 184 16.33 1.69 22.38
N ASN B 185 16.45 2.91 22.88
CA ASN B 185 17.33 3.19 24.00
C ASN B 185 16.77 2.66 25.32
N GLY B 192 19.51 -0.78 30.29
CA GLY B 192 18.09 -1.05 30.42
C GLY B 192 17.74 -2.49 30.11
N ASP B 193 16.47 -2.83 30.25
CA ASP B 193 15.99 -4.18 29.97
C ASP B 193 15.62 -4.32 28.49
N ILE B 194 16.42 -5.08 27.76
CA ILE B 194 16.22 -5.26 26.33
C ILE B 194 14.99 -6.11 26.02
N ARG B 195 14.46 -6.78 27.04
CA ARG B 195 13.30 -7.64 26.86
C ARG B 195 12.00 -6.97 27.32
N LYS B 196 12.13 -5.78 27.89
CA LYS B 196 10.96 -5.05 28.39
C LYS B 196 10.26 -4.31 27.25
N ALA B 197 8.95 -4.53 27.12
CA ALA B 197 8.15 -3.87 26.09
C ALA B 197 6.78 -3.51 26.64
N TYR B 198 5.95 -2.89 25.80
CA TYR B 198 4.61 -2.48 26.24
C TYR B 198 3.65 -2.34 25.06
N CYS B 199 2.36 -2.48 25.35
CA CYS B 199 1.31 -2.30 24.34
C CYS B 199 0.35 -1.20 24.76
N GLU B 200 0.01 -0.31 23.82
CA GLU B 200 -0.90 0.79 24.10
C GLU B 200 -2.23 0.61 23.38
N ILE B 201 -3.32 0.83 24.12
CA ILE B 201 -4.66 0.73 23.56
C ILE B 201 -5.52 1.90 24.03
N ASN B 202 -6.28 2.50 23.11
CA ASN B 202 -7.21 3.55 23.47
C ASN B 202 -8.34 3.00 24.35
N GLY B 203 -8.39 3.46 25.59
CA GLY B 203 -9.38 2.99 26.55
C GLY B 203 -10.80 3.36 26.20
N THR B 204 -10.97 4.53 25.57
CA THR B 204 -12.30 5.00 25.18
C THR B 204 -12.89 4.08 24.11
N LYS B 205 -12.09 3.76 23.11
CA LYS B 205 -12.52 2.89 22.02
C LYS B 205 -12.73 1.46 22.50
N TRP B 206 -11.81 0.96 23.31
CA TRP B 206 -11.82 -0.43 23.74
C TRP B 206 -12.98 -0.76 24.68
N ASN B 207 -13.14 0.05 25.72
CA ASN B 207 -14.18 -0.21 26.72
C ASN B 207 -15.60 -0.06 26.19
N LYS B 208 -15.76 0.72 25.11
CA LYS B 208 -17.05 0.84 24.46
C LYS B 208 -17.36 -0.43 23.68
N VAL B 209 -16.36 -0.93 22.96
CA VAL B 209 -16.49 -2.16 22.20
C VAL B 209 -16.76 -3.34 23.12
N LEU B 210 -15.97 -3.44 24.20
CA LEU B 210 -16.12 -4.53 25.16
C LEU B 210 -17.48 -4.47 25.85
N LYS B 211 -18.07 -3.27 25.91
CA LYS B 211 -19.42 -3.09 26.42
C LYS B 211 -20.43 -3.64 25.44
N GLN B 212 -20.17 -3.47 24.14
CA GLN B 212 -21.05 -4.01 23.12
C GLN B 212 -20.93 -5.54 23.07
N VAL B 213 -19.75 -6.04 23.42
CA VAL B 213 -19.50 -7.47 23.47
C VAL B 213 -20.28 -8.13 24.61
N THR B 214 -20.19 -7.54 25.81
CA THR B 214 -20.86 -8.11 26.98
C THR B 214 -22.38 -8.04 26.87
N GLU B 215 -22.89 -7.03 26.16
CA GLU B 215 -24.33 -6.92 25.93
C GLU B 215 -24.76 -8.00 24.95
N LYS B 216 -23.83 -8.41 24.08
CA LYS B 216 -24.12 -9.43 23.09
C LYS B 216 -24.13 -10.82 23.72
N LEU B 217 -23.29 -11.01 24.73
CA LEU B 217 -23.25 -12.26 25.46
C LEU B 217 -24.51 -12.44 26.30
N LYS B 218 -25.19 -11.34 26.58
CA LYS B 218 -26.44 -11.38 27.34
C LYS B 218 -27.58 -11.97 26.53
N GLU B 219 -27.56 -11.73 25.22
CA GLU B 219 -28.59 -12.25 24.33
C GLU B 219 -28.59 -13.77 24.32
N HIS B 220 -27.40 -14.35 24.49
CA HIS B 220 -27.24 -15.81 24.46
C HIS B 220 -27.33 -16.41 25.85
N PHE B 221 -27.34 -15.56 26.87
CA PHE B 221 -27.41 -16.02 28.25
C PHE B 221 -28.52 -15.31 29.03
N ASN B 222 -29.43 -14.66 28.29
CA ASN B 222 -30.63 -14.05 28.84
C ASN B 222 -30.42 -13.10 30.02
N ASN B 223 -29.75 -12.13 29.63
CA ASN B 223 -29.50 -10.94 30.43
C ASN B 223 -28.91 -11.21 31.81
N LYS B 224 -28.28 -12.36 31.99
CA LYS B 224 -27.42 -12.59 33.07
C LYS B 224 -26.15 -11.74 33.10
N THR B 225 -25.71 -11.41 34.32
CA THR B 225 -24.53 -10.57 34.50
C THR B 225 -23.25 -11.24 33.99
N ILE B 226 -22.50 -10.50 33.18
CA ILE B 226 -21.28 -11.02 32.57
C ILE B 226 -20.02 -10.45 33.21
N ILE B 227 -19.16 -11.34 33.69
CA ILE B 227 -17.94 -10.94 34.39
C ILE B 227 -16.70 -11.44 33.67
N PHE B 228 -15.65 -10.62 33.64
CA PHE B 228 -14.37 -11.02 33.06
C PHE B 228 -13.32 -11.24 34.14
N GLN B 229 -12.53 -12.30 33.98
CA GLN B 229 -11.44 -12.61 34.90
C GLN B 229 -10.21 -13.06 34.12
N PRO B 230 -9.01 -12.84 34.68
CA PRO B 230 -7.78 -13.34 34.08
C PRO B 230 -7.80 -14.86 33.99
N PRO B 231 -7.01 -15.44 33.07
CA PRO B 231 -6.93 -16.90 32.91
C PRO B 231 -6.62 -17.61 34.22
N SER B 232 -7.24 -18.76 34.44
CA SER B 232 -7.07 -19.51 35.68
C SER B 232 -5.62 -19.91 35.92
N GLY B 233 -4.97 -20.36 34.85
CA GLY B 233 -3.58 -20.78 34.93
C GLY B 233 -3.12 -21.42 33.64
N GLY B 234 -1.90 -21.97 33.67
CA GLY B 234 -1.34 -22.62 32.49
C GLY B 234 -0.06 -21.97 32.03
N ASP B 235 0.38 -22.33 30.83
CA ASP B 235 1.60 -21.80 30.26
C ASP B 235 1.46 -20.30 29.97
N LEU B 236 2.59 -19.61 29.87
CA LEU B 236 2.60 -18.17 29.64
C LEU B 236 1.99 -17.81 28.29
N GLU B 237 2.03 -18.74 27.35
CA GLU B 237 1.45 -18.52 26.03
C GLU B 237 -0.06 -18.39 26.12
N ILE B 238 -0.64 -18.94 27.17
CA ILE B 238 -2.09 -18.96 27.35
C ILE B 238 -2.54 -17.85 28.30
N THR B 239 -1.83 -17.68 29.41
CA THR B 239 -2.19 -16.70 30.42
C THR B 239 -1.90 -15.27 29.97
N MET B 240 -1.10 -15.13 28.92
CA MET B 240 -0.79 -13.83 28.37
C MET B 240 -1.12 -13.75 26.89
N HIS B 241 -1.30 -12.54 26.39
CA HIS B 241 -1.45 -12.33 24.95
C HIS B 241 -0.10 -12.52 24.29
N SER B 242 0.08 -13.64 23.61
CA SER B 242 1.34 -13.94 22.95
C SER B 242 1.22 -13.79 21.45
N PHE B 243 2.26 -13.24 20.84
CA PHE B 243 2.29 -13.03 19.39
C PHE B 243 3.72 -12.82 18.94
N ASN B 244 3.93 -12.78 17.62
CA ASN B 244 5.26 -12.58 17.07
C ASN B 244 5.38 -11.25 16.34
N CYS B 245 6.33 -10.42 16.76
CA CYS B 245 6.54 -9.11 16.17
C CYS B 245 7.98 -8.98 15.68
N ARG B 246 8.14 -8.87 14.36
CA ARG B 246 9.45 -8.74 13.72
C ARG B 246 10.37 -9.91 14.04
N GLY B 247 9.80 -11.10 14.21
CA GLY B 247 10.58 -12.28 14.52
C GLY B 247 10.73 -12.54 16.01
N GLU B 248 10.36 -11.56 16.83
CA GLU B 248 10.48 -11.67 18.27
C GLU B 248 9.18 -12.12 18.92
N PHE B 249 9.28 -12.96 19.94
CA PHE B 249 8.09 -13.49 20.62
C PHE B 249 7.67 -12.62 21.80
N PHE B 250 6.57 -11.89 21.62
CA PHE B 250 6.06 -10.98 22.64
C PHE B 250 5.04 -11.66 23.55
N TYR B 251 5.14 -11.39 24.85
CA TYR B 251 4.18 -11.88 25.83
C TYR B 251 3.61 -10.72 26.61
N CYS B 252 2.32 -10.45 26.47
CA CYS B 252 1.71 -9.27 27.07
C CYS B 252 0.59 -9.57 28.07
N ASN B 253 0.64 -8.89 29.21
CA ASN B 253 -0.35 -9.07 30.27
C ASN B 253 -1.63 -8.27 29.98
N THR B 254 -2.74 -8.98 29.85
CA THR B 254 -4.01 -8.37 29.47
C THR B 254 -4.99 -8.17 30.63
N THR B 255 -4.47 -8.08 31.84
CA THR B 255 -5.32 -7.88 33.02
C THR B 255 -6.13 -6.59 32.91
N GLN B 256 -5.49 -5.53 32.42
CA GLN B 256 -6.12 -4.23 32.33
C GLN B 256 -7.09 -4.11 31.16
N LEU B 257 -7.03 -5.06 30.24
CA LEU B 257 -7.92 -5.07 29.07
C LEU B 257 -9.31 -5.57 29.43
N PHE B 258 -9.41 -6.32 30.51
CA PHE B 258 -10.69 -6.91 30.90
C PHE B 258 -11.11 -6.45 32.30
N ASN B 259 -11.18 -5.14 32.49
CA ASN B 259 -11.58 -4.56 33.75
C ASN B 259 -13.09 -4.36 33.79
N ASN B 260 -13.76 -5.10 34.66
CA ASN B 260 -15.22 -5.06 34.74
C ASN B 260 -15.83 -3.70 35.06
N THR B 261 -15.15 -2.94 35.90
CA THR B 261 -15.69 -1.66 36.37
C THR B 261 -15.61 -0.59 35.29
N CYS B 262 -14.65 -0.72 34.39
CA CYS B 262 -14.45 0.29 33.35
C CYS B 262 -15.29 0.01 32.11
N ILE B 263 -16.00 -1.12 32.11
CA ILE B 263 -16.85 -1.49 30.99
C ILE B 263 -18.21 -0.80 31.09
N ASN B 272 -10.66 5.98 30.36
CA ASN B 272 -10.86 6.68 29.10
C ASN B 272 -9.54 7.00 28.40
N GLY B 273 -8.46 6.92 29.15
CA GLY B 273 -7.14 7.24 28.62
C GLY B 273 -6.45 6.04 28.00
N THR B 274 -5.16 6.17 27.76
CA THR B 274 -4.38 5.10 27.15
C THR B 274 -4.13 3.97 28.13
N ILE B 275 -4.48 2.75 27.72
CA ILE B 275 -4.21 1.56 28.51
C ILE B 275 -2.84 1.00 28.12
N THR B 276 -1.94 0.89 29.09
CA THR B 276 -0.61 0.37 28.82
C THR B 276 -0.42 -1.02 29.41
N LEU B 277 -0.25 -2.00 28.54
CA LEU B 277 -0.02 -3.38 28.97
C LEU B 277 1.47 -3.67 29.07
N PRO B 278 1.92 -4.21 30.21
CA PRO B 278 3.33 -4.59 30.33
C PRO B 278 3.63 -5.85 29.52
N CYS B 279 4.71 -5.81 28.74
CA CYS B 279 5.06 -6.94 27.88
C CYS B 279 6.50 -7.39 28.11
N LYS B 280 6.80 -8.60 27.67
CA LYS B 280 8.18 -9.08 27.67
C LYS B 280 8.48 -9.93 26.43
N ILE B 281 9.69 -9.77 25.90
CA ILE B 281 10.15 -10.60 24.80
C ILE B 281 10.86 -11.81 25.37
N LYS B 282 10.38 -12.99 25.01
CA LYS B 282 10.93 -14.23 25.56
C LYS B 282 11.73 -15.03 24.54
N GLN B 283 12.90 -15.51 24.96
CA GLN B 283 13.74 -16.35 24.11
C GLN B 283 13.29 -17.80 24.19
N ILE B 284 12.90 -18.23 25.38
CA ILE B 284 12.45 -19.60 25.60
C ILE B 284 10.93 -19.67 25.54
N ILE B 285 10.41 -20.41 24.58
CA ILE B 285 8.97 -20.48 24.37
C ILE B 285 8.46 -21.91 24.25
N ASN B 286 7.17 -22.08 24.46
CA ASN B 286 6.49 -23.33 24.15
C ASN B 286 5.96 -23.25 22.73
N MET B 287 6.41 -24.18 21.88
CA MET B 287 6.03 -24.18 20.47
C MET B 287 4.53 -24.42 20.28
N TRP B 288 3.89 -23.55 19.50
CA TRP B 288 2.46 -23.68 19.24
C TRP B 288 2.16 -24.89 18.35
N GLN B 289 3.18 -25.37 17.65
CA GLN B 289 3.04 -26.55 16.81
C GLN B 289 2.88 -27.81 17.67
N GLY B 290 3.18 -27.68 18.96
CA GLY B 290 3.06 -28.79 19.90
C GLY B 290 4.28 -29.69 19.91
N THR B 291 5.44 -29.10 19.70
CA THR B 291 6.67 -29.87 19.61
C THR B 291 7.66 -29.58 20.74
N GLY B 292 7.14 -29.15 21.88
CA GLY B 292 7.98 -28.91 23.05
C GLY B 292 8.50 -27.49 23.15
N GLN B 293 9.73 -27.34 23.63
CA GLN B 293 10.33 -26.03 23.86
C GLN B 293 11.31 -25.63 22.77
N ALA B 294 11.66 -24.34 22.76
CA ALA B 294 12.64 -23.80 21.82
C ALA B 294 13.26 -22.54 22.39
N MET B 295 14.52 -22.29 22.08
CA MET B 295 15.20 -21.09 22.54
C MET B 295 15.76 -20.27 21.39
N TYR B 296 15.47 -18.98 21.41
CA TYR B 296 15.93 -18.06 20.36
C TYR B 296 16.97 -17.09 20.90
N ALA B 297 17.53 -16.29 19.99
CA ALA B 297 18.53 -15.30 20.36
C ALA B 297 17.86 -14.08 21.01
N PRO B 298 18.64 -13.30 21.77
CA PRO B 298 18.14 -12.04 22.35
C PRO B 298 17.62 -11.10 21.25
N PRO B 299 16.69 -10.20 21.60
CA PRO B 299 16.03 -9.34 20.62
C PRO B 299 17.00 -8.51 19.79
N ILE B 300 16.60 -8.14 18.58
CA ILE B 300 17.39 -7.26 17.73
C ILE B 300 17.52 -5.88 18.37
N ASP B 301 18.50 -5.11 17.91
CA ASP B 301 18.71 -3.77 18.42
C ASP B 301 17.72 -2.78 17.79
N GLY B 302 17.53 -1.65 18.45
CA GLY B 302 16.69 -0.59 17.93
C GLY B 302 15.22 -0.72 18.29
N LYS B 303 14.42 0.21 17.80
CA LYS B 303 12.99 0.23 18.06
C LYS B 303 12.30 -0.94 17.36
N ILE B 304 11.58 -1.75 18.14
CA ILE B 304 10.76 -2.82 17.58
C ILE B 304 9.30 -2.46 17.79
N ASN B 305 8.54 -2.39 16.71
CA ASN B 305 7.16 -1.91 16.80
C ASN B 305 6.17 -2.66 15.91
N CYS B 306 5.04 -3.05 16.49
CA CYS B 306 3.96 -3.68 15.75
C CYS B 306 2.62 -3.07 16.14
N VAL B 307 1.96 -2.43 15.19
CA VAL B 307 0.62 -1.90 15.39
C VAL B 307 -0.39 -2.80 14.68
N SER B 308 -1.29 -3.40 15.46
CA SER B 308 -2.25 -4.35 14.91
C SER B 308 -3.68 -3.93 15.19
N ASN B 309 -4.60 -4.40 14.35
CA ASN B 309 -6.03 -4.23 14.61
C ASN B 309 -6.57 -5.43 15.37
N ILE B 310 -7.14 -5.19 16.55
CA ILE B 310 -7.83 -6.25 17.27
C ILE B 310 -9.20 -6.46 16.60
N THR B 311 -9.38 -7.61 15.98
CA THR B 311 -10.59 -7.88 15.23
C THR B 311 -11.43 -9.00 15.85
N GLY B 312 -10.83 -9.73 16.79
CA GLY B 312 -11.51 -10.83 17.43
C GLY B 312 -11.00 -11.11 18.83
N ILE B 313 -11.78 -11.86 19.60
CA ILE B 313 -11.40 -12.23 20.95
C ILE B 313 -11.69 -13.71 21.20
N LEU B 314 -10.73 -14.41 21.79
CA LEU B 314 -10.92 -15.81 22.18
C LEU B 314 -11.28 -15.89 23.65
N LEU B 315 -12.43 -16.48 23.96
CA LEU B 315 -12.91 -16.55 25.33
C LEU B 315 -13.26 -17.97 25.77
N THR B 316 -13.07 -18.23 27.07
CA THR B 316 -13.49 -19.49 27.67
C THR B 316 -14.37 -19.20 28.88
N ARG B 317 -15.55 -19.81 28.92
CA ARG B 317 -16.51 -19.57 29.99
C ARG B 317 -16.27 -20.50 31.17
N ASP B 318 -16.38 -19.94 32.38
CA ASP B 318 -16.19 -20.71 33.60
C ASP B 318 -17.28 -21.77 33.77
N GLY B 319 -16.90 -22.91 34.34
CA GLY B 319 -17.82 -24.02 34.52
C GLY B 319 -18.35 -24.13 35.94
N GLY B 320 -19.44 -24.87 36.10
CA GLY B 320 -20.05 -25.08 37.40
C GLY B 320 -20.60 -23.80 38.01
N ALA B 321 -21.24 -22.98 37.18
CA ALA B 321 -21.77 -21.70 37.63
C ALA B 321 -23.25 -21.54 37.29
N ASN B 322 -23.94 -22.67 37.09
CA ASN B 322 -25.37 -22.64 36.82
C ASN B 322 -26.16 -22.24 38.06
N ASN B 323 -25.53 -22.39 39.22
CA ASN B 323 -26.14 -22.06 40.49
C ASN B 323 -26.45 -20.58 40.67
N THR B 324 -25.44 -19.73 40.44
CA THR B 324 -25.57 -18.31 40.64
C THR B 324 -26.13 -17.59 39.41
N SER B 325 -26.19 -16.26 39.50
CA SER B 325 -26.64 -15.43 38.38
C SER B 325 -25.45 -14.76 37.71
N ASN B 326 -24.27 -15.35 37.88
CA ASN B 326 -23.04 -14.77 37.35
C ASN B 326 -22.31 -15.70 36.38
N GLU B 327 -22.09 -15.21 35.17
CA GLU B 327 -21.29 -15.94 34.18
C GLU B 327 -19.92 -15.29 34.04
N THR B 328 -18.87 -16.11 34.06
CA THR B 328 -17.51 -15.61 34.01
C THR B 328 -16.80 -16.04 32.74
N PHE B 329 -16.14 -15.08 32.07
CA PHE B 329 -15.41 -15.36 30.85
C PHE B 329 -13.95 -14.95 30.99
N ARG B 330 -13.04 -15.79 30.50
CA ARG B 330 -11.62 -15.52 30.58
C ARG B 330 -10.99 -15.61 29.18
N PRO B 331 -10.01 -14.74 28.90
CA PRO B 331 -9.31 -14.78 27.62
C PRO B 331 -8.57 -16.11 27.45
N GLY B 332 -8.76 -16.76 26.31
CA GLY B 332 -8.21 -18.09 26.10
C GLY B 332 -7.27 -18.17 24.91
N GLY B 333 -7.24 -19.34 24.27
CA GLY B 333 -6.35 -19.58 23.15
C GLY B 333 -5.50 -20.81 23.38
N GLY B 334 -4.52 -21.02 22.50
CA GLY B 334 -3.66 -22.18 22.59
C GLY B 334 -3.82 -23.07 21.36
N ASN B 335 -5.06 -23.27 20.94
CA ASN B 335 -5.34 -24.00 19.72
C ASN B 335 -5.35 -23.02 18.54
N ILE B 336 -4.24 -22.97 17.83
CA ILE B 336 -4.06 -22.02 16.72
C ILE B 336 -5.06 -22.26 15.60
N LYS B 337 -5.60 -23.48 15.52
CA LYS B 337 -6.63 -23.79 14.53
C LYS B 337 -7.84 -22.86 14.67
N ASP B 338 -8.13 -22.45 15.90
CA ASP B 338 -9.23 -21.52 16.16
C ASP B 338 -9.01 -20.18 15.47
N ASN B 339 -7.76 -19.77 15.33
CA ASN B 339 -7.43 -18.54 14.62
C ASN B 339 -7.85 -18.61 13.16
N TRP B 340 -7.64 -19.76 12.53
CA TRP B 340 -7.99 -19.93 11.12
C TRP B 340 -9.50 -20.03 10.95
N ARG B 341 -10.18 -20.62 11.95
CA ARG B 341 -11.63 -20.74 11.93
C ARG B 341 -12.31 -19.37 11.92
N SER B 342 -11.69 -18.41 12.57
CA SER B 342 -12.25 -17.06 12.67
C SER B 342 -12.33 -16.37 11.32
N GLU B 343 -11.55 -16.87 10.36
CA GLU B 343 -11.55 -16.30 9.01
C GLU B 343 -12.20 -17.23 7.99
N LEU B 344 -12.14 -18.53 8.25
CA LEU B 344 -12.64 -19.54 7.31
C LEU B 344 -14.04 -20.03 7.65
N TYR B 345 -14.70 -19.37 8.59
CA TYR B 345 -16.01 -19.81 9.08
C TYR B 345 -17.09 -19.80 8.01
N LYS B 346 -16.96 -18.92 7.02
CA LYS B 346 -18.01 -18.75 6.03
C LYS B 346 -17.77 -19.55 4.74
N TYR B 347 -16.74 -20.39 4.74
CA TYR B 347 -16.39 -21.16 3.56
C TYR B 347 -16.56 -22.66 3.75
N LYS B 348 -16.86 -23.36 2.65
CA LYS B 348 -16.85 -24.82 2.65
C LYS B 348 -16.64 -25.34 1.23
N VAL B 349 -15.98 -26.48 1.12
CA VAL B 349 -15.65 -27.06 -0.18
C VAL B 349 -16.70 -28.07 -0.62
N VAL B 350 -17.14 -27.96 -1.87
CA VAL B 350 -18.07 -28.93 -2.45
C VAL B 350 -17.55 -29.43 -3.79
N GLN B 351 -17.98 -30.64 -4.17
CA GLN B 351 -17.57 -31.22 -5.44
C GLN B 351 -18.69 -31.10 -6.47
N ILE B 352 -18.32 -30.76 -7.71
CA ILE B 352 -19.30 -30.55 -8.77
C ILE B 352 -19.30 -31.71 -9.76
N GLU B 353 -20.47 -32.04 -10.29
CA GLU B 353 -20.60 -33.07 -11.30
C GLU B 353 -21.21 -32.53 -12.59
C1 NAG C . 3.41 -3.96 -11.64
C2 NAG C . 3.93 -4.14 -10.21
C3 NAG C . 4.92 -5.30 -10.13
C4 NAG C . 4.38 -6.54 -10.83
C5 NAG C . 3.89 -6.20 -12.22
C6 NAG C . 3.28 -7.42 -12.90
C7 NAG C . 3.97 -2.12 -8.87
C8 NAG C . 4.57 -0.76 -8.69
N2 NAG C . 4.56 -2.91 -9.76
O3 NAG C . 5.19 -5.59 -8.77
O4 NAG C . 5.41 -7.50 -10.91
O5 NAG C . 2.92 -5.18 -12.14
O6 NAG C . 2.10 -7.80 -12.22
O7 NAG C . 2.99 -2.45 -8.20
C1 NAG D . -9.34 -5.11 -21.53
C2 NAG D . -9.64 -4.50 -20.17
C3 NAG D . -11.08 -4.72 -19.76
C4 NAG D . -12.04 -4.33 -20.87
C5 NAG D . -11.63 -4.98 -22.19
C6 NAG D . -12.52 -4.51 -23.32
C7 NAG D . -7.97 -4.23 -18.44
C8 NAG D . -6.98 -4.89 -17.53
N2 NAG D . -8.74 -5.03 -19.17
O3 NAG D . -11.37 -3.96 -18.60
O4 NAG D . -13.34 -4.73 -20.54
O5 NAG D . -10.28 -4.67 -22.50
O6 NAG D . -12.41 -3.11 -23.47
O7 NAG D . -8.04 -3.00 -18.49
C1 NAG E . -0.82 24.42 -17.10
C2 NAG E . 0.21 25.55 -17.08
C3 NAG E . -0.47 26.91 -17.06
C4 NAG E . -1.48 27.00 -18.21
C5 NAG E . -2.44 25.83 -18.13
C6 NAG E . -3.46 25.88 -19.27
C7 NAG E . 2.42 25.29 -16.13
C8 NAG E . 3.27 25.17 -14.90
N2 NAG E . 1.12 25.43 -15.96
O3 NAG E . 0.48 27.94 -17.17
O4 NAG E . -2.17 28.22 -18.15
O5 NAG E . -1.73 24.61 -18.17
O6 NAG E . -2.78 25.85 -20.50
O7 NAG E . 2.95 25.23 -17.25
C1 NAG F . 14.26 -4.44 -5.15
C2 NAG F . 15.16 -5.52 -5.74
C3 NAG F . 15.72 -6.44 -4.66
C4 NAG F . 16.28 -5.64 -3.49
C5 NAG F . 15.24 -4.63 -3.02
C6 NAG F . 15.79 -3.79 -1.86
C7 NAG F . 14.85 -6.44 -7.97
C8 NAG F . 14.05 -7.33 -8.87
N2 NAG F . 14.43 -6.30 -6.72
O3 NAG F . 16.75 -7.23 -5.21
O4 NAG F . 16.58 -6.52 -2.43
O5 NAG F . 14.90 -3.77 -4.10
O6 NAG F . 16.90 -3.05 -2.29
O7 NAG F . 15.87 -5.87 -8.40
C1 NAG G . -9.66 7.25 -7.79
C2 NAG G . -11.19 7.19 -7.82
C3 NAG G . -11.77 6.56 -6.56
C4 NAG G . -11.05 5.27 -6.20
C5 NAG G . -9.54 5.49 -6.20
C6 NAG G . -8.82 4.19 -5.89
C7 NAG G . -12.45 8.83 -9.09
C8 NAG G . -12.85 10.28 -9.22
N2 NAG G . -11.73 8.51 -8.01
O3 NAG G . -13.14 6.29 -6.75
O4 NAG G . -11.47 4.83 -4.92
O5 NAG G . -9.11 5.99 -7.45
O6 NAG G . -7.43 4.42 -5.89
O7 NAG G . -12.77 8.01 -9.94
C1 NAG H . -6.31 32.32 -8.98
C2 NAG H . -7.76 32.35 -9.49
C3 NAG H . -8.20 33.78 -9.73
C4 NAG H . -7.97 34.62 -8.47
C5 NAG H . -6.55 34.43 -7.93
C6 NAG H . -6.40 35.12 -6.57
C7 NAG H . -8.72 30.52 -10.75
C8 NAG H . -8.77 29.78 -12.05
N2 NAG H . -7.90 31.57 -10.70
O3 NAG H . -9.57 33.81 -10.06
O4 NAG H . -8.18 35.98 -8.77
O5 NAG H . -6.22 33.07 -7.78
O6 NAG H . -5.20 34.71 -5.97
O7 NAG H . -9.42 30.19 -9.80
C1 NAG I . -13.31 23.19 -2.65
C2 NAG I . -14.39 24.18 -3.12
C3 NAG I . -15.80 23.66 -2.85
C4 NAG I . -15.94 22.23 -3.32
C5 NAG I . -14.85 21.37 -2.70
C6 NAG I . -14.99 19.92 -3.15
C7 NAG I . -14.17 26.59 -3.16
C8 NAG I . -13.92 27.85 -2.39
N2 NAG I . -14.20 25.46 -2.46
O3 NAG I . -16.72 24.48 -3.54
O4 NAG I . -17.21 21.74 -2.94
O5 NAG I . -13.59 21.87 -3.08
O6 NAG I . -14.09 19.11 -2.42
O7 NAG I . -14.33 26.63 -4.38
C1 NAG J . -5.70 -4.69 4.34
C2 NAG J . -5.19 -6.07 3.89
C3 NAG J . -6.21 -6.86 3.08
C4 NAG J . -7.51 -6.92 3.85
C5 NAG J . -7.98 -5.49 4.17
C6 NAG J . -9.26 -5.54 4.99
C7 NAG J . -2.82 -6.41 3.76
C8 NAG J . -2.95 -6.82 5.19
N2 NAG J . -3.94 -5.97 3.16
O3 NAG J . -5.73 -8.18 2.89
O4 NAG J . -8.49 -7.57 3.07
O5 NAG J . -7.00 -4.79 4.90
O6 NAG J . -9.58 -4.23 5.42
O7 NAG J . -1.74 -6.47 3.19
C1 NAG K . 8.46 25.60 4.71
C2 NAG K . 9.94 25.51 5.08
C3 NAG K . 10.15 25.03 6.51
C4 NAG K . 9.24 25.77 7.47
C5 NAG K . 7.80 25.72 6.97
C6 NAG K . 6.86 26.45 7.93
C7 NAG K . 11.59 25.05 3.36
C8 NAG K . 12.29 24.00 2.53
N2 NAG K . 10.63 24.62 4.16
O3 NAG K . 11.49 25.24 6.88
O4 NAG K . 9.33 25.19 8.75
O5 NAG K . 7.72 26.30 5.69
O6 NAG K . 7.23 27.80 8.01
O7 NAG K . 11.92 26.22 3.27
C1 NAG L . -0.63 21.25 9.99
C2 NAG L . 0.30 22.41 10.32
C3 NAG L . -0.12 23.06 11.61
C4 NAG L . -1.57 23.51 11.49
C5 NAG L . -2.46 22.35 11.05
C6 NAG L . -3.89 22.82 10.79
C7 NAG L . 2.56 22.39 9.45
C8 NAG L . 2.05 23.38 8.45
N2 NAG L . 1.69 21.99 10.37
O3 NAG L . 0.71 24.19 11.89
O4 NAG L . -2.02 24.01 12.75
O5 NAG L . -1.96 21.75 9.85
O6 NAG L . -4.51 23.17 12.04
O7 NAG L . 3.72 21.96 9.41
C1 NAG M . -7.50 20.83 -15.72
C2 NAG M . -7.18 20.63 -17.20
C3 NAG M . -8.45 20.50 -18.01
C4 NAG M . -9.35 19.44 -17.41
C5 NAG M . -9.56 19.69 -15.92
C6 NAG M . -10.37 18.56 -15.30
C7 NAG M . -5.16 21.52 -18.24
C8 NAG M . -4.82 20.15 -18.74
N2 NAG M . -6.38 21.72 -17.72
O3 NAG M . -8.14 20.18 -19.35
O4 NAG M . -10.59 19.46 -18.08
O5 NAG M . -8.31 19.78 -15.26
O6 NAG M . -9.73 17.32 -15.55
O7 NAG M . -4.30 22.39 -18.33
N1 EPE N . 14.50 16.20 -34.03
C2 EPE N . 13.30 16.78 -33.39
C3 EPE N . 12.49 15.65 -32.74
N4 EPE N . 13.28 14.65 -32.04
C5 EPE N . 14.64 14.38 -32.50
C6 EPE N . 15.34 15.64 -32.96
C7 EPE N . 12.56 13.53 -31.46
C8 EPE N . 13.28 12.93 -30.26
O8 EPE N . 14.21 11.95 -30.66
C9 EPE N . 15.28 17.19 -34.78
C10 EPE N . 14.40 18.05 -35.68
S EPE N . 15.44 18.91 -36.88
O1S EPE N . 14.64 19.40 -37.99
O2S EPE N . 16.09 20.02 -36.20
O3S EPE N . 16.46 17.98 -37.37
C10 0LJ O . 16.72 19.93 -10.85
C15 0LJ O . 19.59 17.51 -10.07
C17 0LJ O . 20.59 15.56 -9.32
C21 0LJ O . 21.24 14.67 -11.73
C22 0LJ O . 21.20 14.95 -13.11
C24 0LJ O . 20.04 17.03 -12.64
C01 0LJ O . 14.25 24.11 -11.88
C02 0LJ O . 13.03 23.45 -11.99
C03 0LJ O . 12.96 22.09 -11.75
C04 0LJ O . 14.09 21.39 -11.42
C05 0LJ O . 15.32 22.04 -11.30
C06 0LJ O . 15.38 23.41 -11.54
CL7 0LJ O . 11.61 24.32 -12.40
F08 0LJ O . 11.79 21.47 -11.86
N09 0LJ O . 16.54 21.35 -10.97
O11 0LJ O . 15.80 19.13 -10.99
C12 0LJ O . 18.12 19.40 -10.51
N13 0LJ O . 18.32 17.99 -10.37
O14 0LJ O . 19.06 20.19 -10.35
C16 0LJ O . 19.52 16.49 -9.00
C18 0LJ O . 20.69 15.58 -10.81
C19 0LJ O . 20.10 16.75 -11.26
N20 0LJ O . 19.77 17.11 -7.75
C23 0LJ O . 20.60 16.13 -13.55
C25 0LJ O . 19.21 16.57 -6.56
N26 0LJ O . 18.47 15.49 -6.63
N27 0LJ O . 19.43 17.14 -5.41
C1 NAG P . -26.18 -11.46 -0.16
C2 NAG P . -26.79 -10.07 0.09
C3 NAG P . -26.17 -9.08 -0.88
C4 NAG P . -24.64 -9.09 -0.75
C5 NAG P . -24.11 -10.52 -0.88
C6 NAG P . -22.60 -10.56 -0.63
C7 NAG P . -29.05 -9.79 0.96
C8 NAG P . -30.51 -9.79 0.62
N2 NAG P . -28.23 -10.10 -0.04
O3 NAG P . -26.65 -7.75 -0.60
O4 NAG P . -24.06 -8.27 -1.76
O5 NAG P . -24.78 -11.38 0.05
O6 NAG P . -22.33 -10.06 0.69
O7 NAG P . -28.65 -9.52 2.09
C1 NAG Q . -26.42 -20.46 15.08
C2 NAG Q . -26.37 -20.86 16.55
C3 NAG Q . -26.82 -22.30 16.72
C4 NAG Q . -28.19 -22.51 16.05
C5 NAG Q . -28.21 -21.95 14.64
C6 NAG Q . -29.64 -21.98 14.10
C7 NAG Q . -24.78 -19.74 17.98
C8 NAG Q . -23.49 -19.86 18.74
N2 NAG Q . -25.03 -20.69 17.08
O3 NAG Q . -26.91 -22.63 18.08
O4 NAG Q . -28.49 -23.89 16.03
O5 NAG Q . -27.72 -20.63 14.58
O6 NAG Q . -29.79 -20.95 13.14
O7 NAG Q . -25.53 -18.79 18.18
C1 NAG R . -0.61 -6.26 11.63
C2 NAG R . 0.73 -6.76 12.14
C3 NAG R . 1.72 -5.60 12.21
C4 NAG R . 1.83 -4.96 10.84
C5 NAG R . 0.44 -4.54 10.37
C6 NAG R . 0.52 -3.95 8.96
C7 NAG R . 1.08 -8.65 13.63
C8 NAG R . 0.94 -9.21 15.03
N2 NAG R . 0.61 -7.42 13.44
O3 NAG R . 2.99 -6.04 12.63
O4 NAG R . 2.68 -3.84 10.88
O5 NAG R . -0.45 -5.63 10.37
O6 NAG R . 1.15 -4.87 8.09
O7 NAG R . 1.59 -9.34 12.74
C1 NAG S . -23.72 -29.06 24.42
C2 NAG S . -24.10 -30.48 24.04
C3 NAG S . -24.82 -31.20 25.16
C4 NAG S . -24.07 -31.04 26.49
C5 NAG S . -23.74 -29.58 26.74
C6 NAG S . -22.93 -29.42 28.03
C7 NAG S . -24.54 -31.10 21.73
C8 NAG S . -25.41 -30.93 20.53
N2 NAG S . -24.92 -30.47 22.84
O3 NAG S . -24.94 -32.57 24.86
O4 NAG S . -24.86 -31.54 27.54
O5 NAG S . -23.02 -29.04 25.65
O6 NAG S . -21.78 -30.22 27.95
O7 NAG S . -23.52 -31.80 21.68
C1 NAG T . -21.41 -3.36 16.29
C2 NAG T . -22.10 -2.16 15.63
C3 NAG T . -23.17 -1.57 16.54
C4 NAG T . -24.10 -2.67 17.04
C5 NAG T . -23.31 -3.82 17.65
C6 NAG T . -24.24 -4.94 18.07
C7 NAG T . -20.98 -0.80 13.97
C8 NAG T . -19.80 0.06 13.65
N2 NAG T . -21.15 -1.15 15.25
O3 NAG T . -23.91 -0.60 15.84
O4 NAG T . -25.00 -2.14 17.99
O5 NAG T . -22.35 -4.31 16.74
O6 NAG T . -23.48 -6.02 18.59
O7 NAG T . -21.75 -1.16 13.08
C1 NAG U . 2.78 3.53 18.64
C2 NAG U . 2.71 4.80 17.81
C3 NAG U . 4.08 5.49 17.78
C4 NAG U . 4.65 5.63 19.18
C5 NAG U . 4.60 4.30 19.92
C6 NAG U . 5.07 4.46 21.37
C7 NAG U . 1.01 4.61 16.10
C8 NAG U . 0.67 4.21 14.69
N2 NAG U . 2.28 4.49 16.46
O3 NAG U . 3.95 6.76 17.18
O4 NAG U . 5.98 6.08 19.09
O5 NAG U . 3.28 3.80 19.93
O6 NAG U . 4.10 5.15 22.12
O7 NAG U . 0.14 5.04 16.85
C1 NAG V . -9.30 7.56 21.92
C2 NAG V . -8.60 8.91 21.93
C3 NAG V . -9.58 10.08 21.92
C4 NAG V . -10.68 9.86 20.90
C5 NAG V . -11.31 8.50 21.10
C6 NAG V . -12.43 8.27 20.09
C7 NAG V . -6.42 9.27 22.99
C8 NAG V . -5.87 9.54 21.63
N2 NAG V . -7.73 9.02 23.09
O3 NAG V . -8.89 11.27 21.63
O4 NAG V . -11.66 10.86 21.04
O5 NAG V . -10.33 7.49 20.95
O6 NAG V . -13.10 7.07 20.39
O7 NAG V . -5.68 9.29 23.98
C1 NAG W . -32.13 -7.38 28.71
C2 NAG W . -33.39 -6.67 29.22
C3 NAG W . -33.58 -5.28 28.61
C4 NAG W . -32.28 -4.50 28.54
C5 NAG W . -31.18 -5.36 27.92
C6 NAG W . -29.88 -4.58 27.83
C7 NAG W . -35.18 -8.18 29.88
C8 NAG W . -36.47 -8.83 29.47
N2 NAG W . -34.55 -7.48 28.94
O3 NAG W . -34.52 -4.56 29.37
O4 NAG W . -32.49 -3.35 27.75
O5 NAG W . -31.01 -6.51 28.70
O6 NAG W . -29.28 -4.82 26.57
O7 NAG W . -34.75 -8.30 31.02
C1 NAG X . -0.68 -9.73 34.98
C2 NAG X . -0.18 -10.97 35.72
C3 NAG X . -0.84 -11.11 37.08
C4 NAG X . -0.74 -9.80 37.86
C5 NAG X . -1.24 -8.64 37.00
C6 NAG X . -1.07 -7.32 37.74
C7 NAG X . 0.57 -12.92 34.50
C8 NAG X . 0.21 -14.16 33.72
N2 NAG X . -0.43 -12.16 34.92
O3 NAG X . -0.20 -12.13 37.81
O4 NAG X . -1.53 -9.88 39.02
O5 NAG X . -0.51 -8.59 35.78
O6 NAG X . 0.27 -7.16 38.14
O7 NAG X . 1.76 -12.65 34.71
C1 NAG Y . -10.43 -0.98 36.73
C2 NAG Y . -9.23 -1.30 37.62
C3 NAG Y . -8.97 -0.20 38.65
C4 NAG Y . -9.01 1.17 38.01
C5 NAG Y . -10.28 1.34 37.18
C6 NAG Y . -10.30 2.70 36.49
C7 NAG Y . -8.48 -3.47 38.44
C8 NAG Y . -7.48 -3.58 37.34
N2 NAG Y . -9.45 -2.57 38.30
O3 NAG Y . -7.70 -0.42 39.23
O4 NAG Y . -8.97 2.16 39.01
O5 NAG Y . -10.34 0.33 36.20
O6 NAG Y . -9.19 2.83 35.63
O7 NAG Y . -8.40 -4.20 39.44
C1 NAG Z . -6.64 -1.27 10.91
C2 NAG Z . -5.84 -1.58 9.65
C3 NAG Z . -5.81 -0.36 8.72
C4 NAG Z . -7.21 0.19 8.50
C5 NAG Z . -7.94 0.39 9.83
C6 NAG Z . -9.38 0.83 9.59
C7 NAG Z . -3.98 -3.17 9.67
C8 NAG Z . -4.80 -4.06 8.79
N2 NAG Z . -4.49 -1.98 10.00
O3 NAG Z . -5.24 -0.72 7.49
O4 NAG Z . -7.13 1.41 7.80
O5 NAG Z . -7.94 -0.81 10.57
O6 NAG Z . -10.06 0.91 10.82
O7 NAG Z . -2.88 -3.54 10.08
N1 EPE AA . 0.96 -26.99 -0.95
C2 EPE AA . 0.88 -25.54 -0.71
C3 EPE AA . -0.59 -25.16 -0.49
N4 EPE AA . -1.30 -26.05 0.40
C5 EPE AA . -0.96 -27.45 0.43
C6 EPE AA . 0.54 -27.67 0.29
C7 EPE AA . -2.70 -25.72 0.67
C8 EPE AA . -3.23 -26.40 1.95
O8 EPE AA . -3.83 -27.64 1.63
C9 EPE AA . 2.30 -27.43 -1.33
C10 EPE AA . 2.97 -26.49 -2.32
S EPE AA . 4.25 -27.38 -3.24
O1S EPE AA . 4.54 -26.69 -4.50
O2S EPE AA . 5.45 -27.46 -2.43
O3S EPE AA . 3.77 -28.74 -3.53
C10 0LJ BA . 1.01 -22.12 21.98
C15 0LJ BA . -0.39 -25.32 23.60
C17 0LJ BA . -2.23 -26.59 24.29
C21 0LJ BA . -2.13 -28.29 22.26
C22 0LJ BA . -1.44 -28.63 21.09
C24 0LJ BA . 0.07 -26.79 21.43
C01 0LJ BA . 4.04 -18.80 19.96
C02 0LJ BA . 3.04 -17.86 19.76
C03 0LJ BA . 1.77 -18.08 20.26
C04 0LJ BA . 1.50 -19.23 20.96
C05 0LJ BA . 2.50 -20.18 21.17
C06 0LJ BA . 3.76 -19.95 20.66
CL7 0LJ BA . 3.38 -16.42 18.88
F08 0LJ BA . 0.82 -17.17 20.07
N09 0LJ BA . 2.27 -21.42 21.90
O11 0LJ BA . 0.01 -21.69 21.45
C12 0LJ BA . 0.93 -23.43 22.77
N13 0LJ BA . -0.31 -24.13 22.88
O14 0LJ BA . 1.95 -23.88 23.33
C16 0LJ BA . -1.57 -25.33 24.49
C18 0LJ BA . -1.71 -27.18 23.02
C19 0LJ BA . -0.61 -26.44 22.61
N20 0LJ BA . -1.13 -25.24 25.84
C23 0LJ BA . -0.34 -27.88 20.68
C25 0LJ BA . -2.02 -24.86 26.89
N26 0LJ BA . -3.27 -24.58 26.62
N27 0LJ BA . -1.58 -24.80 28.12
#